data_1WUI
#
_entry.id   1WUI
#
_cell.length_a   98.069
_cell.length_b   125.966
_cell.length_c   66.380
_cell.angle_alpha   90.00
_cell.angle_beta   90.00
_cell.angle_gamma   90.00
#
_symmetry.space_group_name_H-M   'P 21 21 21'
#
loop_
_entity.id
_entity.type
_entity.pdbx_description
1 polymer 'Periplasmic [NiFe] hydrogenase small subunit'
2 polymer 'Periplasmic [NiFe] hydrogenase large subunit'
3 non-polymer 'IRON/SULFUR CLUSTER'
4 non-polymer 'FE3-S4 CLUSTER'
5 non-polymer (4S)-2-METHYL-2,4-PENTANEDIOL
6 non-polymer 'MAGNESIUM ION'
7 non-polymer 'NI-FE ACTIVE CENTER A-FORM'
8 non-polymer (4R)-2-METHYLPENTANE-2,4-DIOL
9 water water
#
loop_
_entity_poly.entity_id
_entity_poly.type
_entity_poly.pdbx_seq_one_letter_code
_entity_poly.pdbx_strand_id
1 'polypeptide(L)'
;LMGPRRPSVVYLHNAECTGCSESVLRAFEPYIDTLILDTLSLDYHETIMAAAGDAAEAALEQAVNSPHGFIAVVEGGIPT
AANGIYGKVANHTMLDICSRILPKAQAVIAYGTCATFGGVQAAKPNPTGAKGVNDALKHLGVKAINIAGCPPNPYNLVGT
IVYYLKNKAAPELDSLNRPTMFFGQTVHEQCPRLPHFDAGEFAPSFESEEARKGWCLYELGCKGPVTMNNCPKIKFNQTN
WPVDAGHPCIGCSEPDFWDAMTPFYQN
;
S
2 'polypeptide(L)'
;SSYSGPIVVDPVTRIEGHLRIEVEVENGKVKNAYSSSTLFRGLEIILKGRDPRDAQHFTQRTCGV(CSO)TYTHALASTR
CVDNAVGVHIPKNATYIRNLVLGAQYLHDHIVHFYHLHALDFVDVTAALKADPAKAAKVASSISPRKTTAADLKAVQDKL
KTFVETGQLGPFTNAYFLGGHPAYYLDPETNLIATAHYLEALRLQVKAARAMAVFGAKNPHTQFTVVGGVTCYDALTPQR
IAEFEALWKETKAFVDEVYIPDLLVVAAAYKDWTQYGGTDNFITFGEFPKDEYDLNSRFFKPGVVFKRDFKNIKPFDKMQ
IEEHVRHSWYEGAEARHPWKGQTQPKYTDLHGDDRYSWMKAPRYMGEPMETGPLAQVLIAYSQGHPKVKAVTDAVLAKLG
VGPEALFSTLGRTAARGIETAVIAEYVGVMLQEYKDNIAKGDNVICAPWEMPKQAEGVGFVNAPRGGLSHWIRIEDGKIG
NFQLVVPSTWTLGPRCDKNKLSPVEASLIGTPVADAKRPVEILRTVHSFDP(CSO)IACGVH
;
L
#
loop_
_chem_comp.id
_chem_comp.type
_chem_comp.name
_chem_comp.formula
F3S non-polymer 'FE3-S4 CLUSTER' 'Fe3 S4'
MG non-polymer 'MAGNESIUM ION' 'Mg 2'
MPD non-polymer (4S)-2-METHYL-2,4-PENTANEDIOL 'C6 H14 O2'
MRD non-polymer (4R)-2-METHYLPENTANE-2,4-DIOL 'C6 H14 O2'
NFC non-polymer 'NI-FE ACTIVE CENTER A-FORM' 'C3 H2 Fe N Ni O4'
SF4 non-polymer 'IRON/SULFUR CLUSTER' 'Fe4 S4'
#
# COMPACT_ATOMS: atom_id res chain seq x y z
N LEU A 1 -12.10 -5.97 23.55
CA LEU A 1 -10.91 -5.42 22.94
C LEU A 1 -9.78 -6.45 23.30
N MET A 2 -9.58 -6.30 24.60
CA MET A 2 -8.76 -7.21 25.37
C MET A 2 -8.85 -6.74 26.83
N GLY A 3 -8.89 -7.74 27.65
CA GLY A 3 -8.59 -8.26 28.89
C GLY A 3 -7.83 -9.52 29.11
N PRO A 4 -8.47 -10.60 29.52
CA PRO A 4 -7.64 -11.76 29.92
C PRO A 4 -6.93 -12.53 28.81
N ARG A 5 -6.39 -13.68 29.01
CA ARG A 5 -6.04 -14.79 28.15
C ARG A 5 -5.20 -14.45 26.93
N ARG A 6 -5.39 -13.78 25.81
CA ARG A 6 -4.29 -13.60 24.83
C ARG A 6 -3.59 -12.26 25.12
N PRO A 7 -2.26 -12.25 24.97
CA PRO A 7 -1.52 -11.03 25.29
C PRO A 7 -1.91 -9.92 24.32
N SER A 8 -2.11 -8.76 24.88
CA SER A 8 -2.51 -7.57 24.14
C SER A 8 -1.34 -6.90 23.41
N VAL A 9 -1.58 -6.60 22.13
CA VAL A 9 -0.62 -5.86 21.31
C VAL A 9 -1.30 -4.57 20.87
N VAL A 10 -0.60 -3.46 21.06
CA VAL A 10 -1.00 -2.17 20.53
C VAL A 10 0.04 -1.84 19.44
N TYR A 11 -0.42 -1.63 18.23
CA TYR A 11 0.43 -1.42 17.08
C TYR A 11 0.26 0.02 16.64
N LEU A 12 1.31 0.78 16.65
CA LEU A 12 1.28 2.21 16.33
C LEU A 12 1.98 2.47 14.99
N HIS A 13 1.41 3.45 14.24
CA HIS A 13 1.94 3.91 12.99
C HIS A 13 2.34 5.36 13.10
N ASN A 14 3.66 5.62 12.97
CA ASN A 14 4.22 6.97 12.99
C ASN A 14 4.47 7.46 11.56
N ALA A 15 5.69 7.86 11.23
CA ALA A 15 6.08 8.26 9.88
C ALA A 15 6.57 6.99 9.21
N GLU A 16 5.68 6.44 8.37
CA GLU A 16 5.85 5.10 7.84
C GLU A 16 5.14 5.01 6.49
N CYS A 17 5.48 3.93 5.77
CA CYS A 17 4.95 3.67 4.43
C CYS A 17 3.97 2.51 4.47
N THR A 18 3.81 1.84 5.60
CA THR A 18 2.89 0.70 5.81
C THR A 18 3.47 -0.55 5.24
N GLY A 19 4.68 -0.51 4.69
CA GLY A 19 5.38 -1.72 4.23
C GLY A 19 5.67 -2.66 5.37
N CYS A 20 5.97 -2.15 6.56
CA CYS A 20 6.17 -3.04 7.70
C CYS A 20 4.89 -3.74 8.09
N SER A 21 3.77 -3.00 8.12
CA SER A 21 2.50 -3.68 8.38
C SER A 21 2.24 -4.79 7.35
N GLU A 22 2.45 -4.43 6.10
CA GLU A 22 2.25 -5.42 5.03
C GLU A 22 3.13 -6.63 5.22
N SER A 23 4.38 -6.46 5.65
CA SER A 23 5.25 -7.58 5.91
C SER A 23 4.64 -8.53 6.94
N VAL A 24 3.98 -7.99 7.96
CA VAL A 24 3.40 -8.84 9.00
C VAL A 24 2.28 -9.69 8.41
N LEU A 25 1.52 -9.11 7.47
CA LEU A 25 0.48 -9.87 6.78
C LEU A 25 1.06 -11.04 6.01
N ARG A 26 2.34 -11.04 5.67
CA ARG A 26 2.96 -12.16 4.94
C ARG A 26 3.36 -13.28 5.89
N ALA A 27 3.10 -13.20 7.18
CA ALA A 27 3.49 -14.22 8.14
C ALA A 27 3.13 -15.61 7.64
N PHE A 28 4.04 -16.54 7.80
CA PHE A 28 3.91 -17.91 7.32
C PHE A 28 4.23 -18.89 8.43
N GLU A 29 3.27 -19.75 8.79
CA GLU A 29 3.48 -20.83 9.75
C GLU A 29 4.13 -20.31 11.04
N PRO A 30 3.49 -19.50 11.84
CA PRO A 30 2.09 -19.17 11.74
C PRO A 30 1.75 -18.04 10.78
N TYR A 31 0.52 -18.19 10.21
CA TYR A 31 -0.07 -17.16 9.40
C TYR A 31 -0.75 -16.10 10.27
N ILE A 32 -1.11 -14.97 9.62
CA ILE A 32 -1.64 -13.85 10.37
C ILE A 32 -2.97 -14.15 11.01
N ASP A 33 -3.80 -14.99 10.43
CA ASP A 33 -5.06 -15.31 11.10
C ASP A 33 -4.82 -16.03 12.41
N THR A 34 -3.89 -17.00 12.41
CA THR A 34 -3.55 -17.65 13.67
C THR A 34 -2.99 -16.67 14.68
N LEU A 35 -2.14 -15.75 14.24
CA LEU A 35 -1.53 -14.78 15.16
C LEU A 35 -2.61 -13.94 15.82
N ILE A 36 -3.60 -13.49 15.03
CA ILE A 36 -4.58 -12.57 15.67
C ILE A 36 -5.73 -13.29 16.32
N LEU A 37 -6.03 -14.53 15.97
CA LEU A 37 -7.08 -15.28 16.64
C LEU A 37 -6.61 -16.08 17.82
N ASP A 38 -5.42 -16.62 17.76
CA ASP A 38 -4.95 -17.58 18.74
C ASP A 38 -3.77 -17.06 19.57
N THR A 39 -2.80 -16.47 18.91
CA THR A 39 -1.55 -16.18 19.62
C THR A 39 -1.62 -14.91 20.48
N LEU A 40 -2.20 -13.87 19.90
CA LEU A 40 -2.13 -12.53 20.40
C LEU A 40 -3.54 -11.91 20.30
N SER A 41 -3.74 -10.78 20.96
CA SER A 41 -4.92 -9.95 20.79
C SER A 41 -4.44 -8.63 20.22
N LEU A 42 -4.76 -8.38 18.95
CA LEU A 42 -4.35 -7.17 18.23
C LEU A 42 -5.37 -6.09 18.50
N ASP A 43 -5.02 -5.22 19.47
CA ASP A 43 -6.02 -4.37 20.08
C ASP A 43 -6.12 -2.98 19.52
N TYR A 44 -5.14 -2.62 18.72
CA TYR A 44 -5.16 -1.36 17.98
C TYR A 44 -4.26 -1.56 16.82
N HIS A 45 -4.72 -1.19 15.61
CA HIS A 45 -3.92 -1.29 14.40
C HIS A 45 -4.68 -0.53 13.31
N GLU A 46 -4.22 0.69 12.96
CA GLU A 46 -5.03 1.57 12.11
C GLU A 46 -5.32 0.99 10.75
N THR A 47 -4.49 0.13 10.22
CA THR A 47 -4.65 -0.42 8.89
C THR A 47 -5.83 -1.35 8.76
N ILE A 48 -6.10 -2.13 9.80
CA ILE A 48 -7.08 -3.18 9.62
C ILE A 48 -8.23 -3.09 10.62
N MET A 49 -8.17 -2.22 11.63
CA MET A 49 -9.20 -2.23 12.66
C MET A 49 -10.52 -1.65 12.14
N ALA A 50 -11.62 -2.19 12.71
CA ALA A 50 -12.96 -1.82 12.29
C ALA A 50 -13.33 -0.39 12.68
N ALA A 51 -13.01 -0.03 13.92
CA ALA A 51 -13.38 1.29 14.43
C ALA A 51 -12.55 2.38 13.78
N ALA A 52 -13.12 3.58 13.66
CA ALA A 52 -12.38 4.74 13.14
C ALA A 52 -12.63 5.86 14.11
N GLY A 53 -11.87 6.94 13.99
CA GLY A 53 -12.15 8.16 14.67
C GLY A 53 -12.15 7.99 16.16
N ASP A 54 -13.12 8.61 16.85
CA ASP A 54 -13.20 8.55 18.29
C ASP A 54 -13.31 7.13 18.83
N ALA A 55 -14.04 6.29 18.10
CA ALA A 55 -14.19 4.90 18.49
C ALA A 55 -12.87 4.17 18.49
N ALA A 56 -12.03 4.49 17.51
CA ALA A 56 -10.69 3.91 17.40
C ALA A 56 -9.80 4.40 18.57
N GLU A 57 -9.91 5.74 18.84
CA GLU A 57 -9.09 6.21 19.94
C GLU A 57 -9.55 5.71 21.26
N ALA A 58 -10.85 5.48 21.45
CA ALA A 58 -11.26 4.84 22.71
C ALA A 58 -10.74 3.43 22.83
N ALA A 59 -10.68 2.67 21.71
CA ALA A 59 -10.11 1.34 21.70
C ALA A 59 -8.65 1.42 22.13
N LEU A 60 -7.91 2.40 21.63
CA LEU A 60 -6.50 2.56 22.02
C LEU A 60 -6.40 2.80 23.53
N GLU A 61 -7.21 3.77 24.04
CA GLU A 61 -7.10 4.10 25.47
C GLU A 61 -7.41 2.84 26.30
N GLN A 62 -8.45 2.10 25.95
CA GLN A 62 -8.81 0.90 26.69
C GLN A 62 -7.67 -0.10 26.72
N ALA A 63 -7.01 -0.28 25.58
CA ALA A 63 -5.88 -1.18 25.52
C ALA A 63 -4.70 -0.76 26.37
N VAL A 64 -4.32 0.52 26.23
CA VAL A 64 -3.13 1.01 26.92
C VAL A 64 -3.29 1.03 28.41
N ASN A 65 -4.51 1.23 28.88
CA ASN A 65 -4.72 1.39 30.33
C ASN A 65 -5.12 0.07 30.98
N SER A 66 -5.09 -1.02 30.26
CA SER A 66 -5.56 -2.28 30.77
C SER A 66 -4.65 -2.77 31.88
N PRO A 67 -5.20 -3.20 32.97
CA PRO A 67 -4.38 -3.77 34.05
C PRO A 67 -3.63 -5.06 33.74
N HIS A 68 -3.97 -5.67 32.64
CA HIS A 68 -3.43 -6.89 32.08
C HIS A 68 -2.12 -6.56 31.34
N GLY A 69 -1.87 -5.32 31.01
CA GLY A 69 -0.57 -4.99 30.33
C GLY A 69 -0.68 -5.14 28.84
N PHE A 70 0.18 -4.50 28.10
CA PHE A 70 0.25 -4.66 26.65
C PHE A 70 1.70 -4.62 26.17
N ILE A 71 1.91 -5.14 24.99
CA ILE A 71 3.13 -5.05 24.22
C ILE A 71 2.89 -3.97 23.16
N ALA A 72 3.82 -3.05 22.93
CA ALA A 72 3.71 -2.09 21.84
C ALA A 72 4.61 -2.57 20.67
N VAL A 73 4.03 -2.56 19.47
CA VAL A 73 4.79 -2.74 18.26
C VAL A 73 4.65 -1.40 17.50
N VAL A 74 5.82 -0.85 17.13
CA VAL A 74 5.83 0.52 16.56
C VAL A 74 6.45 0.49 15.18
N GLU A 75 5.70 1.01 14.20
CA GLU A 75 6.12 1.16 12.84
C GLU A 75 6.29 2.65 12.52
N GLY A 76 7.44 3.02 11.95
CA GLY A 76 7.70 4.39 11.52
C GLY A 76 8.55 5.16 12.51
N GLY A 77 9.25 6.13 11.93
CA GLY A 77 10.05 7.11 12.68
C GLY A 77 9.14 8.14 13.32
N ILE A 78 9.65 8.80 14.35
CA ILE A 78 8.93 9.88 15.01
C ILE A 78 9.41 11.21 14.52
N PRO A 79 8.57 12.01 13.87
CA PRO A 79 9.00 13.36 13.43
C PRO A 79 9.08 14.30 14.62
N THR A 80 10.26 14.87 14.87
CA THR A 80 10.43 15.73 16.02
C THR A 80 10.61 17.21 15.67
N ALA A 81 10.88 17.56 14.42
CA ALA A 81 11.06 18.99 14.07
C ALA A 81 9.82 19.76 14.37
N ALA A 82 9.97 21.04 14.68
CA ALA A 82 8.82 21.93 14.85
C ALA A 82 7.78 21.36 15.81
N ASN A 83 8.33 20.87 16.91
CA ASN A 83 7.56 20.36 18.02
C ASN A 83 6.64 19.22 17.58
N GLY A 84 7.04 18.47 16.60
CA GLY A 84 6.33 17.25 16.19
C GLY A 84 5.24 17.41 15.17
N ILE A 85 5.01 18.62 14.66
CA ILE A 85 3.77 18.84 13.93
C ILE A 85 3.74 18.14 12.55
N TYR A 86 4.85 17.62 12.05
CA TYR A 86 4.83 16.97 10.72
C TYR A 86 4.08 15.67 10.72
N GLY A 87 3.78 15.11 11.87
CA GLY A 87 2.99 13.90 11.96
C GLY A 87 2.02 13.97 13.12
N LYS A 88 0.72 13.85 12.80
CA LYS A 88 -0.30 13.87 13.83
C LYS A 88 -1.31 12.74 13.57
N VAL A 89 -1.85 12.16 14.63
CA VAL A 89 -2.99 11.29 14.60
C VAL A 89 -4.01 11.80 15.58
N ALA A 90 -5.26 11.96 15.23
CA ALA A 90 -6.31 12.45 16.09
C ALA A 90 -5.90 13.78 16.69
N ASN A 91 -5.16 14.54 15.86
CA ASN A 91 -4.68 15.84 16.22
C ASN A 91 -3.71 15.96 17.36
N HIS A 92 -3.04 14.86 17.63
CA HIS A 92 -1.92 14.78 18.55
C HIS A 92 -0.67 14.50 17.76
N THR A 93 0.46 15.08 18.14
CA THR A 93 1.67 14.71 17.44
C THR A 93 2.04 13.28 17.77
N MET A 94 2.72 12.63 16.80
CA MET A 94 3.24 11.29 17.03
C MET A 94 4.24 11.24 18.16
N LEU A 95 5.02 12.29 18.32
CA LEU A 95 5.93 12.39 19.44
C LEU A 95 5.21 12.32 20.74
N ASP A 96 4.12 12.99 20.96
CA ASP A 96 3.28 13.11 22.09
C ASP A 96 2.61 11.74 22.32
N ILE A 97 2.08 11.15 21.26
CA ILE A 97 1.42 9.89 21.41
C ILE A 97 2.38 8.83 21.93
N CYS A 98 3.54 8.73 21.29
CA CYS A 98 4.49 7.72 21.67
C CYS A 98 5.09 7.99 23.08
N SER A 99 5.28 9.28 23.37
CA SER A 99 5.80 9.64 24.70
C SER A 99 4.83 9.24 25.78
N ARG A 100 3.54 9.30 25.51
CA ARG A 100 2.56 8.94 26.50
C ARG A 100 2.36 7.45 26.60
N ILE A 101 2.32 6.78 25.46
CA ILE A 101 1.97 5.34 25.44
C ILE A 101 3.16 4.44 25.70
N LEU A 102 4.28 4.65 25.04
CA LEU A 102 5.36 3.66 25.10
C LEU A 102 5.92 3.41 26.47
N PRO A 103 6.07 4.41 27.34
CA PRO A 103 6.52 4.08 28.70
C PRO A 103 5.56 3.20 29.50
N LYS A 104 4.30 3.09 29.11
CA LYS A 104 3.33 2.25 29.76
C LYS A 104 3.38 0.80 29.29
N ALA A 105 4.04 0.51 28.20
CA ALA A 105 4.05 -0.86 27.69
C ALA A 105 4.91 -1.80 28.52
N GLN A 106 4.55 -3.06 28.58
CA GLN A 106 5.42 -4.05 29.24
C GLN A 106 6.69 -4.27 28.45
N ALA A 107 6.59 -4.15 27.12
CA ALA A 107 7.74 -4.34 26.21
C ALA A 107 7.38 -3.50 24.96
N VAL A 108 8.39 -2.96 24.35
CA VAL A 108 8.24 -2.25 23.07
C VAL A 108 9.13 -2.92 22.02
N ILE A 109 8.56 -3.14 20.84
CA ILE A 109 9.29 -3.61 19.69
C ILE A 109 9.21 -2.51 18.64
N ALA A 110 10.35 -1.99 18.20
CA ALA A 110 10.44 -1.09 17.07
C ALA A 110 10.63 -1.98 15.84
N TYR A 111 9.62 -1.94 14.98
CA TYR A 111 9.59 -2.85 13.82
C TYR A 111 9.80 -2.02 12.55
N GLY A 112 10.92 -2.31 11.89
CA GLY A 112 11.37 -1.70 10.66
C GLY A 112 12.42 -0.64 10.93
N THR A 113 13.30 -0.45 9.98
CA THR A 113 14.38 0.53 10.06
C THR A 113 13.90 1.92 10.39
N CYS A 114 12.74 2.34 9.93
CA CYS A 114 12.23 3.66 10.36
C CYS A 114 12.02 3.75 11.87
N ALA A 115 11.31 2.78 12.45
CA ALA A 115 11.10 2.82 13.91
C ALA A 115 12.41 2.57 14.63
N THR A 116 13.29 1.73 14.12
CA THR A 116 14.51 1.42 14.87
C THR A 116 15.50 2.57 14.82
N PHE A 117 15.73 3.13 13.64
CA PHE A 117 16.85 4.04 13.38
C PHE A 117 16.49 5.35 12.76
N GLY A 118 15.25 5.56 12.38
CA GLY A 118 14.78 6.83 11.75
C GLY A 118 14.34 6.62 10.31
N GLY A 119 15.06 5.82 9.54
CA GLY A 119 14.64 5.38 8.22
C GLY A 119 14.59 6.45 7.17
N VAL A 120 13.71 6.24 6.18
CA VAL A 120 13.81 6.97 4.93
C VAL A 120 13.58 8.48 5.15
N GLN A 121 12.62 8.86 5.98
CA GLN A 121 12.36 10.27 6.22
C GLN A 121 13.45 10.92 7.07
N ALA A 122 14.30 10.14 7.72
CA ALA A 122 15.46 10.67 8.43
C ALA A 122 16.68 10.88 7.53
N ALA A 123 16.65 10.44 6.27
CA ALA A 123 17.77 10.64 5.39
C ALA A 123 17.95 12.14 5.15
N LYS A 124 19.17 12.52 4.83
CA LYS A 124 19.48 13.93 4.66
C LYS A 124 18.56 14.58 3.63
N PRO A 125 18.08 15.78 3.91
CA PRO A 125 18.43 16.64 5.04
C PRO A 125 17.45 16.56 6.20
N ASN A 126 16.68 15.48 6.23
CA ASN A 126 15.81 15.17 7.34
C ASN A 126 14.86 16.35 7.70
N PRO A 127 14.02 16.76 6.73
CA PRO A 127 13.23 17.99 6.97
C PRO A 127 12.29 17.87 8.15
N THR A 128 11.84 16.67 8.50
CA THR A 128 10.92 16.52 9.60
C THR A 128 11.53 16.20 10.92
N GLY A 129 12.86 16.14 11.02
CA GLY A 129 13.54 15.76 12.25
C GLY A 129 13.12 14.41 12.76
N ALA A 130 12.90 13.43 11.95
CA ALA A 130 12.59 12.09 12.19
C ALA A 130 13.71 11.37 12.92
N LYS A 131 13.28 10.63 13.94
CA LYS A 131 14.14 9.82 14.78
C LYS A 131 13.57 8.45 14.99
N GLY A 132 14.46 7.49 15.22
CA GLY A 132 14.00 6.18 15.72
C GLY A 132 13.42 6.31 17.11
N VAL A 133 12.70 5.28 17.53
CA VAL A 133 12.01 5.28 18.80
C VAL A 133 12.95 5.48 19.98
N ASN A 134 14.03 4.70 20.02
CA ASN A 134 14.90 4.80 21.21
C ASN A 134 15.60 6.10 21.24
N ASP A 135 15.99 6.68 20.12
CA ASP A 135 16.62 7.97 20.06
C ASP A 135 15.65 9.02 20.54
N ALA A 136 14.45 9.06 19.94
CA ALA A 136 13.44 10.05 20.28
C ALA A 136 13.06 10.03 21.77
N LEU A 137 13.00 8.82 22.35
CA LEU A 137 12.42 8.65 23.64
C LEU A 137 13.38 8.20 24.71
N LYS A 138 14.68 8.42 24.43
CA LYS A 138 15.69 7.98 25.42
C LYS A 138 15.49 8.57 26.81
N HIS A 139 15.04 9.77 26.87
CA HIS A 139 14.84 10.58 28.06
C HIS A 139 13.68 10.01 28.88
N LEU A 140 12.83 9.17 28.31
CA LEU A 140 11.76 8.53 29.05
C LEU A 140 12.07 7.11 29.42
N GLY A 141 13.28 6.70 29.09
CA GLY A 141 13.59 5.32 29.47
C GLY A 141 13.12 4.20 28.59
N VAL A 142 12.52 4.54 27.45
CA VAL A 142 12.14 3.53 26.46
C VAL A 142 13.33 2.87 25.77
N LYS A 143 13.29 1.51 25.84
CA LYS A 143 14.34 0.75 25.19
C LYS A 143 13.59 -0.34 24.42
N ALA A 144 13.27 0.01 23.21
CA ALA A 144 12.60 -0.94 22.29
C ALA A 144 13.56 -1.93 21.71
N ILE A 145 13.15 -3.16 21.59
CA ILE A 145 13.84 -4.19 20.83
C ILE A 145 13.73 -3.74 19.39
N ASN A 146 14.88 -3.66 18.70
CA ASN A 146 14.91 -3.19 17.32
C ASN A 146 14.95 -4.34 16.35
N ILE A 147 13.90 -4.44 15.53
CA ILE A 147 13.85 -5.43 14.45
C ILE A 147 13.96 -4.65 13.14
N ALA A 148 15.18 -4.57 12.63
CA ALA A 148 15.50 -3.73 11.51
C ALA A 148 15.27 -4.42 10.17
N GLY A 149 15.22 -3.61 9.12
CA GLY A 149 14.96 -4.00 7.76
C GLY A 149 13.85 -3.09 7.20
N CYS A 150 13.78 -3.07 5.86
CA CYS A 150 12.93 -2.10 5.16
C CYS A 150 12.10 -2.77 4.05
N PRO A 151 11.14 -3.60 4.44
CA PRO A 151 10.78 -3.98 5.79
C PRO A 151 11.57 -5.17 6.27
N PRO A 152 11.52 -5.45 7.57
CA PRO A 152 12.16 -6.66 8.13
C PRO A 152 11.48 -7.89 7.59
N ASN A 153 12.20 -9.01 7.83
CA ASN A 153 11.57 -10.32 7.67
C ASN A 153 10.53 -10.52 8.74
N PRO A 154 9.27 -10.83 8.41
CA PRO A 154 8.28 -11.01 9.47
C PRO A 154 8.57 -12.19 10.39
N TYR A 155 9.38 -13.16 9.89
CA TYR A 155 9.89 -14.23 10.74
C TYR A 155 10.52 -13.67 12.02
N ASN A 156 11.20 -12.55 11.84
CA ASN A 156 11.99 -11.98 12.95
C ASN A 156 11.07 -11.30 13.96
N LEU A 157 9.95 -10.73 13.51
CA LEU A 157 8.98 -10.17 14.47
C LEU A 157 8.30 -11.28 15.28
N VAL A 158 7.77 -12.27 14.55
CA VAL A 158 7.05 -13.36 15.22
C VAL A 158 8.03 -14.05 16.19
N GLY A 159 9.26 -14.34 15.73
CA GLY A 159 10.17 -15.03 16.60
C GLY A 159 10.50 -14.26 17.86
N THR A 160 10.62 -12.93 17.73
CA THR A 160 10.89 -12.12 18.91
C THR A 160 9.71 -12.14 19.83
N ILE A 161 8.51 -11.99 19.30
CA ILE A 161 7.32 -12.00 20.17
C ILE A 161 7.19 -13.35 20.90
N VAL A 162 7.38 -14.44 20.15
CA VAL A 162 7.22 -15.76 20.76
C VAL A 162 8.23 -15.92 21.86
N TYR A 163 9.47 -15.48 21.58
CA TYR A 163 10.52 -15.59 22.62
C TYR A 163 10.08 -14.85 23.86
N TYR A 164 9.64 -13.62 23.69
CA TYR A 164 9.28 -12.78 24.81
C TYR A 164 8.14 -13.36 25.61
N LEU A 165 7.14 -13.92 24.90
CA LEU A 165 6.04 -14.51 25.62
C LEU A 165 6.43 -15.72 26.43
N LYS A 166 7.35 -16.49 25.85
CA LYS A 166 7.79 -17.72 26.54
C LYS A 166 8.66 -17.40 27.73
N ASN A 167 9.61 -16.51 27.53
CA ASN A 167 10.71 -16.28 28.47
C ASN A 167 10.48 -15.07 29.33
N LYS A 168 9.51 -14.27 28.98
CA LYS A 168 9.29 -13.08 29.81
C LYS A 168 10.46 -12.10 29.82
N ALA A 169 11.22 -12.10 28.73
CA ALA A 169 12.38 -11.24 28.60
C ALA A 169 12.76 -11.11 27.14
N ALA A 170 13.54 -10.09 26.84
CA ALA A 170 14.07 -9.94 25.50
C ALA A 170 15.12 -11.04 25.23
N PRO A 171 15.26 -11.50 24.01
CA PRO A 171 16.38 -12.34 23.65
C PRO A 171 17.68 -11.54 23.69
N GLU A 172 18.81 -12.20 23.52
CA GLU A 172 20.09 -11.50 23.45
C GLU A 172 20.05 -10.47 22.34
N LEU A 173 20.49 -9.25 22.65
CA LEU A 173 20.48 -8.14 21.70
C LEU A 173 21.90 -7.68 21.40
N ASP A 174 22.10 -7.23 20.17
CA ASP A 174 23.37 -6.68 19.71
C ASP A 174 23.47 -5.20 20.18
N SER A 175 24.57 -4.56 19.75
CA SER A 175 24.78 -3.17 20.18
C SER A 175 23.85 -2.16 19.56
N LEU A 176 23.07 -2.53 18.56
CA LEU A 176 22.00 -1.75 17.98
C LEU A 176 20.64 -2.22 18.50
N ASN A 177 20.63 -3.02 19.57
CA ASN A 177 19.43 -3.52 20.20
C ASN A 177 18.65 -4.48 19.31
N ARG A 178 19.31 -5.13 18.38
CA ARG A 178 18.65 -6.10 17.48
C ARG A 178 18.88 -7.53 17.98
N PRO A 179 17.92 -8.44 17.90
CA PRO A 179 18.17 -9.82 18.37
C PRO A 179 19.30 -10.52 17.59
N THR A 180 20.29 -11.00 18.34
CA THR A 180 21.42 -11.71 17.72
C THR A 180 20.97 -12.99 17.05
N MET A 181 19.83 -13.56 17.45
CA MET A 181 19.39 -14.78 16.77
C MET A 181 18.97 -14.58 15.34
N PHE A 182 18.71 -13.33 14.92
CA PHE A 182 18.36 -12.99 13.56
C PHE A 182 19.39 -12.10 12.90
N PHE A 183 20.08 -11.25 13.65
CA PHE A 183 20.93 -10.23 13.12
C PHE A 183 22.42 -10.47 13.43
N GLY A 184 22.77 -11.72 13.83
CA GLY A 184 24.16 -12.02 14.22
C GLY A 184 25.11 -12.27 13.11
N GLN A 185 24.68 -12.44 11.85
CA GLN A 185 25.54 -12.70 10.73
C GLN A 185 25.33 -11.61 9.66
N THR A 186 26.42 -11.32 8.95
CA THR A 186 26.25 -10.48 7.74
C THR A 186 25.47 -11.24 6.70
N VAL A 187 24.75 -10.48 5.87
CA VAL A 187 24.14 -11.04 4.65
C VAL A 187 25.19 -11.78 3.84
N HIS A 188 26.34 -11.12 3.67
CA HIS A 188 27.41 -11.63 2.81
C HIS A 188 27.96 -12.98 3.26
N GLU A 189 28.14 -13.22 4.54
CA GLU A 189 28.73 -14.48 4.96
C GLU A 189 27.78 -15.65 4.68
N GLN A 190 26.51 -15.37 4.42
CA GLN A 190 25.50 -16.34 4.12
C GLN A 190 25.20 -16.44 2.64
N CYS A 191 25.83 -15.67 1.81
CA CYS A 191 25.43 -15.48 0.45
C CYS A 191 25.93 -16.61 -0.46
N PRO A 192 25.08 -17.13 -1.36
CA PRO A 192 25.58 -18.14 -2.30
C PRO A 192 26.66 -17.68 -3.26
N ARG A 193 26.78 -16.37 -3.45
CA ARG A 193 27.82 -15.84 -4.38
C ARG A 193 29.14 -15.66 -3.71
N LEU A 194 29.26 -16.00 -2.43
CA LEU A 194 30.52 -15.77 -1.69
C LEU A 194 31.72 -16.42 -2.39
N PRO A 195 31.63 -17.61 -2.96
CA PRO A 195 32.80 -18.16 -3.65
C PRO A 195 33.26 -17.29 -4.82
N HIS A 196 32.32 -16.67 -5.53
CA HIS A 196 32.75 -15.69 -6.56
C HIS A 196 33.46 -14.48 -5.96
N PHE A 197 32.92 -13.89 -4.88
CA PHE A 197 33.58 -12.81 -4.17
C PHE A 197 35.02 -13.21 -3.85
N ASP A 198 35.18 -14.37 -3.25
CA ASP A 198 36.53 -14.81 -2.85
C ASP A 198 37.47 -14.90 -4.02
N ALA A 199 36.97 -15.27 -5.20
CA ALA A 199 37.74 -15.42 -6.40
C ALA A 199 37.84 -14.09 -7.16
N GLY A 200 37.30 -13.00 -6.68
CA GLY A 200 37.33 -11.73 -7.39
C GLY A 200 36.55 -11.79 -8.71
N GLU A 201 35.49 -12.60 -8.73
CA GLU A 201 34.61 -12.80 -9.91
C GLU A 201 33.35 -11.97 -9.72
N PHE A 202 33.40 -10.78 -10.27
CA PHE A 202 32.36 -9.76 -10.08
C PHE A 202 31.69 -9.49 -11.42
N ALA A 203 30.37 -9.32 -11.37
CA ALA A 203 29.64 -8.81 -12.52
C ALA A 203 30.01 -7.35 -12.77
N PRO A 204 30.41 -6.99 -14.00
CA PRO A 204 30.73 -5.58 -14.24
C PRO A 204 29.56 -4.71 -14.62
N SER A 205 28.42 -5.34 -14.92
CA SER A 205 27.22 -4.64 -15.34
C SER A 205 26.06 -5.63 -15.20
N PHE A 206 24.84 -5.12 -15.16
CA PHE A 206 23.70 -6.03 -15.05
C PHE A 206 23.44 -6.80 -16.32
N GLU A 207 23.79 -6.27 -17.47
CA GLU A 207 23.61 -6.93 -18.77
C GLU A 207 24.67 -7.98 -19.09
N SER A 208 25.74 -8.02 -18.28
CA SER A 208 26.90 -8.85 -18.59
C SER A 208 26.57 -10.33 -18.44
N GLU A 209 27.39 -11.11 -19.16
CA GLU A 209 27.37 -12.57 -19.02
C GLU A 209 27.73 -12.97 -17.61
N GLU A 210 28.62 -12.22 -16.96
CA GLU A 210 28.96 -12.53 -15.58
C GLU A 210 27.72 -12.42 -14.67
N ALA A 211 26.92 -11.37 -14.89
CA ALA A 211 25.67 -11.25 -14.09
C ALA A 211 24.76 -12.44 -14.45
N ARG A 212 24.67 -12.79 -15.75
CA ARG A 212 23.83 -13.95 -16.11
C ARG A 212 24.25 -15.19 -15.36
N LYS A 213 25.54 -15.43 -15.25
CA LYS A 213 26.09 -16.62 -14.62
C LYS A 213 26.11 -16.50 -13.10
N GLY A 214 25.60 -15.44 -12.49
CA GLY A 214 25.49 -15.35 -11.05
C GLY A 214 26.72 -14.91 -10.31
N TRP A 215 27.60 -14.15 -10.95
CA TRP A 215 28.79 -13.67 -10.29
C TRP A 215 28.41 -12.65 -9.22
N CYS A 216 29.41 -12.35 -8.37
CA CYS A 216 29.18 -11.49 -7.23
C CYS A 216 28.82 -10.06 -7.66
N LEU A 217 27.94 -9.44 -6.89
CA LEU A 217 27.38 -8.11 -7.16
C LEU A 217 28.10 -6.98 -6.42
N TYR A 218 29.28 -7.26 -5.82
CA TYR A 218 29.97 -6.23 -5.06
C TYR A 218 30.33 -5.02 -5.92
N GLU A 219 30.84 -5.25 -7.13
CA GLU A 219 31.22 -4.10 -7.98
C GLU A 219 29.99 -3.26 -8.35
N LEU A 220 28.83 -3.85 -8.36
CA LEU A 220 27.56 -3.17 -8.66
C LEU A 220 26.92 -2.65 -7.39
N GLY A 221 27.65 -2.60 -6.30
CA GLY A 221 27.20 -1.88 -5.14
C GLY A 221 26.75 -2.69 -3.95
N CYS A 222 26.82 -4.02 -4.03
CA CYS A 222 26.23 -4.85 -2.98
C CYS A 222 26.79 -4.50 -1.60
N LYS A 223 25.86 -4.23 -0.67
CA LYS A 223 26.21 -3.89 0.70
C LYS A 223 26.12 -5.07 1.65
N GLY A 224 25.96 -6.30 1.10
CA GLY A 224 25.96 -7.46 1.95
C GLY A 224 27.08 -7.54 2.95
N PRO A 225 28.32 -7.16 2.59
CA PRO A 225 29.45 -7.27 3.54
C PRO A 225 29.32 -6.40 4.78
N VAL A 226 28.46 -5.39 4.77
CA VAL A 226 28.33 -4.45 5.87
C VAL A 226 26.93 -4.42 6.47
N THR A 227 26.14 -5.46 6.18
CA THR A 227 24.71 -5.48 6.56
C THR A 227 24.43 -6.75 7.33
N MET A 228 23.79 -6.59 8.46
CA MET A 228 23.41 -7.72 9.34
C MET A 228 21.93 -8.03 9.11
N ASN A 229 21.66 -9.22 8.64
CA ASN A 229 20.28 -9.66 8.42
C ASN A 229 20.37 -11.13 8.09
N ASN A 230 19.26 -11.82 8.03
CA ASN A 230 19.07 -13.22 7.84
C ASN A 230 18.45 -13.53 6.48
N CYS A 231 18.51 -12.61 5.57
CA CYS A 231 17.87 -12.73 4.25
C CYS A 231 18.23 -13.97 3.50
N PRO A 232 19.47 -14.37 3.38
CA PRO A 232 19.78 -15.51 2.55
C PRO A 232 19.30 -16.82 3.12
N LYS A 233 19.12 -16.85 4.43
CA LYS A 233 18.78 -18.05 5.18
C LYS A 233 17.27 -18.26 5.21
N ILE A 234 16.54 -17.27 5.60
CA ILE A 234 15.06 -17.33 5.72
C ILE A 234 14.41 -17.02 4.38
N LYS A 235 15.01 -16.18 3.58
CA LYS A 235 14.42 -15.64 2.35
C LYS A 235 13.14 -14.90 2.68
N PHE A 236 12.51 -14.37 1.68
CA PHE A 236 11.27 -13.63 1.75
C PHE A 236 10.18 -14.40 0.99
N ASN A 237 9.00 -14.38 1.52
CA ASN A 237 7.83 -15.00 0.87
C ASN A 237 8.09 -16.47 0.57
N GLN A 238 8.95 -17.11 1.36
CA GLN A 238 9.25 -18.53 1.23
C GLN A 238 9.88 -18.81 -0.11
N THR A 239 10.51 -17.83 -0.78
CA THR A 239 10.98 -18.09 -2.14
C THR A 239 12.16 -17.31 -2.65
N ASN A 240 12.50 -16.09 -2.18
CA ASN A 240 13.55 -15.38 -2.89
C ASN A 240 14.17 -14.34 -1.97
N TRP A 241 15.25 -13.71 -2.44
CA TRP A 241 15.81 -12.55 -1.73
C TRP A 241 16.63 -11.78 -2.75
N PRO A 242 17.00 -10.52 -2.44
CA PRO A 242 17.58 -9.64 -3.48
C PRO A 242 18.69 -10.19 -4.32
N VAL A 243 19.77 -10.75 -3.74
CA VAL A 243 20.91 -11.20 -4.52
C VAL A 243 20.49 -12.36 -5.43
N ASP A 244 19.60 -13.25 -4.92
CA ASP A 244 19.14 -14.35 -5.80
C ASP A 244 18.28 -13.86 -6.96
N ALA A 245 17.72 -12.66 -6.85
CA ALA A 245 17.02 -11.96 -7.91
C ALA A 245 17.99 -11.10 -8.74
N GLY A 246 19.28 -11.22 -8.46
CA GLY A 246 20.27 -10.51 -9.28
C GLY A 246 20.59 -9.09 -8.91
N HIS A 247 20.04 -8.61 -7.79
CA HIS A 247 20.22 -7.22 -7.42
C HIS A 247 21.04 -7.11 -6.14
N PRO A 248 21.94 -6.13 -6.04
CA PRO A 248 22.71 -5.97 -4.82
C PRO A 248 21.82 -5.70 -3.61
N CYS A 249 22.30 -6.11 -2.44
CA CYS A 249 21.80 -5.65 -1.16
C CYS A 249 22.01 -4.14 -1.06
N ILE A 250 21.04 -3.40 -0.55
CA ILE A 250 21.18 -1.98 -0.35
C ILE A 250 21.39 -1.62 1.13
N GLY A 251 21.55 -2.61 2.01
CA GLY A 251 21.93 -2.35 3.36
C GLY A 251 20.81 -2.00 4.30
N CYS A 252 19.58 -2.51 4.02
CA CYS A 252 18.38 -1.88 4.56
C CYS A 252 18.08 -2.15 6.01
N SER A 253 18.83 -3.01 6.69
CA SER A 253 18.71 -3.26 8.10
C SER A 253 19.74 -2.49 8.95
N GLU A 254 20.48 -1.54 8.31
CA GLU A 254 21.51 -0.81 9.03
C GLU A 254 21.07 0.61 9.33
N PRO A 255 21.55 1.19 10.40
CA PRO A 255 21.23 2.58 10.72
C PRO A 255 21.75 3.51 9.63
N ASP A 256 20.98 4.55 9.35
CA ASP A 256 21.40 5.61 8.45
C ASP A 256 21.70 5.06 7.09
N PHE A 257 21.09 3.94 6.63
CA PHE A 257 21.61 3.28 5.46
C PHE A 257 21.38 4.13 4.21
N TRP A 258 20.32 4.92 4.19
CA TRP A 258 20.01 5.79 3.04
C TRP A 258 21.19 6.73 2.70
N ASP A 259 21.91 7.16 3.75
CA ASP A 259 23.07 8.04 3.54
C ASP A 259 24.38 7.28 3.63
N ALA A 260 24.47 6.21 4.40
CA ALA A 260 25.75 5.46 4.51
C ALA A 260 25.98 4.52 3.34
N MET A 261 24.96 3.98 2.72
CA MET A 261 25.09 2.93 1.72
C MET A 261 25.00 3.47 0.30
N THR A 262 24.74 4.78 0.16
CA THR A 262 24.62 5.41 -1.11
C THR A 262 25.96 5.95 -1.60
N PRO A 263 26.15 6.06 -2.91
CA PRO A 263 25.26 5.58 -3.99
C PRO A 263 25.11 4.05 -3.95
N PHE A 264 23.88 3.60 -4.15
CA PHE A 264 23.62 2.18 -3.97
C PHE A 264 24.42 1.31 -4.95
N TYR A 265 24.74 1.84 -6.13
CA TYR A 265 25.43 1.04 -7.14
C TYR A 265 26.94 1.18 -7.12
N GLN A 266 27.50 1.76 -6.09
CA GLN A 266 28.96 1.82 -5.92
C GLN A 266 29.41 1.15 -4.63
N ASN A 267 30.62 0.58 -4.70
CA ASN A 267 31.43 0.26 -3.53
C ASN A 267 32.86 0.81 -3.73
N SER B 1 -33.77 11.56 14.95
CA SER B 1 -32.32 11.37 14.88
C SER B 1 -31.65 11.86 13.60
N SER B 2 -31.89 13.10 13.10
CA SER B 2 -31.15 13.66 11.97
C SER B 2 -30.42 14.96 12.37
N TYR B 3 -29.14 14.66 12.39
CA TYR B 3 -28.07 15.44 12.94
C TYR B 3 -27.66 16.60 12.05
N SER B 4 -27.46 17.71 12.74
CA SER B 4 -26.76 18.86 12.14
C SER B 4 -25.54 19.20 12.98
N GLY B 5 -24.43 19.44 12.29
CA GLY B 5 -23.22 19.83 13.02
C GLY B 5 -22.04 19.15 12.28
N PRO B 6 -20.88 19.33 12.91
CA PRO B 6 -19.69 18.71 12.35
C PRO B 6 -19.62 17.25 12.71
N ILE B 7 -18.84 16.54 11.86
CA ILE B 7 -18.34 15.22 12.20
C ILE B 7 -16.84 15.21 11.79
N VAL B 8 -16.01 14.70 12.67
CA VAL B 8 -14.61 14.50 12.33
C VAL B 8 -14.30 13.02 12.45
N VAL B 9 -13.61 12.45 11.51
CA VAL B 9 -13.12 11.08 11.57
C VAL B 9 -11.57 11.18 11.47
N ASP B 10 -10.92 10.96 12.62
CA ASP B 10 -9.49 11.09 12.67
C ASP B 10 -9.01 10.20 13.82
N PRO B 11 -8.40 9.03 13.57
CA PRO B 11 -7.94 8.61 12.25
C PRO B 11 -9.02 7.98 11.42
N VAL B 12 -8.97 8.17 10.11
CA VAL B 12 -9.69 7.26 9.19
C VAL B 12 -8.85 5.99 9.16
N THR B 13 -9.39 4.88 9.65
CA THR B 13 -8.70 3.59 9.67
C THR B 13 -9.05 2.84 8.40
N ARG B 14 -8.38 1.70 8.22
CA ARG B 14 -8.58 0.85 7.05
C ARG B 14 -8.36 1.61 5.73
N ILE B 15 -7.26 2.39 5.80
CA ILE B 15 -6.61 2.99 4.69
C ILE B 15 -5.11 2.85 4.97
N GLU B 16 -4.29 3.17 3.97
CA GLU B 16 -2.88 3.42 4.24
C GLU B 16 -2.78 4.90 4.70
N GLY B 17 -2.00 5.07 5.79
CA GLY B 17 -1.57 6.40 6.18
C GLY B 17 -2.54 7.17 7.02
N HIS B 18 -2.28 8.47 7.16
CA HIS B 18 -2.86 9.31 8.20
C HIS B 18 -3.80 10.36 7.62
N LEU B 19 -5.08 10.08 7.65
CA LEU B 19 -6.12 10.90 7.12
C LEU B 19 -7.13 11.32 8.18
N ARG B 20 -7.47 12.58 8.16
CA ARG B 20 -8.51 13.24 8.92
C ARG B 20 -9.56 13.69 7.92
N ILE B 21 -10.81 13.22 8.07
CA ILE B 21 -11.92 13.68 7.27
C ILE B 21 -12.80 14.56 8.17
N GLU B 22 -13.11 15.75 7.71
CA GLU B 22 -14.02 16.67 8.38
C GLU B 22 -15.21 16.90 7.48
N VAL B 23 -16.42 16.76 8.04
CA VAL B 23 -17.62 17.14 7.29
C VAL B 23 -18.53 18.02 8.11
N GLU B 24 -19.33 18.81 7.42
CA GLU B 24 -20.48 19.56 7.97
C GLU B 24 -21.72 18.82 7.53
N VAL B 25 -22.61 18.51 8.47
CA VAL B 25 -23.84 17.76 8.20
C VAL B 25 -25.02 18.71 8.50
N GLU B 26 -26.00 18.67 7.64
CA GLU B 26 -27.22 19.46 7.80
C GLU B 26 -28.38 18.47 7.65
N ASN B 27 -29.20 18.36 8.69
CA ASN B 27 -30.37 17.52 8.57
C ASN B 27 -30.01 16.11 8.12
N GLY B 28 -28.95 15.53 8.67
CA GLY B 28 -28.57 14.16 8.33
C GLY B 28 -27.87 13.92 7.03
N LYS B 29 -27.50 14.95 6.29
CA LYS B 29 -26.75 14.80 5.08
C LYS B 29 -25.52 15.73 5.07
N VAL B 30 -24.43 15.19 4.54
CA VAL B 30 -23.20 15.99 4.43
C VAL B 30 -23.40 17.10 3.40
N LYS B 31 -23.06 18.31 3.84
CA LYS B 31 -23.14 19.51 3.03
C LYS B 31 -21.78 20.04 2.65
N ASN B 32 -20.72 19.67 3.36
CA ASN B 32 -19.40 20.13 3.10
C ASN B 32 -18.38 19.13 3.62
N ALA B 33 -17.15 19.07 3.08
CA ALA B 33 -16.13 18.12 3.39
C ALA B 33 -14.73 18.70 3.15
N TYR B 34 -13.82 18.24 3.99
CA TYR B 34 -12.40 18.53 3.92
C TYR B 34 -11.61 17.23 4.04
N SER B 35 -10.65 17.06 3.16
CA SER B 35 -9.72 15.90 3.20
C SER B 35 -8.36 16.38 3.70
N SER B 36 -8.02 16.05 4.96
CA SER B 36 -6.85 16.54 5.61
C SER B 36 -5.85 15.40 5.83
N SER B 37 -4.74 15.44 5.21
CA SER B 37 -3.63 14.48 5.28
C SER B 37 -2.62 15.00 6.29
N THR B 38 -2.34 14.21 7.35
CA THR B 38 -1.72 14.73 8.55
C THR B 38 -0.34 14.19 8.82
N LEU B 39 0.35 13.57 7.87
CA LEU B 39 1.75 13.23 7.92
C LEU B 39 2.45 13.72 6.64
N PHE B 40 3.61 14.35 6.85
CA PHE B 40 4.53 14.69 5.80
C PHE B 40 5.87 14.02 6.07
N ARG B 41 6.52 13.50 5.03
CA ARG B 41 7.88 12.95 5.12
C ARG B 41 8.89 13.74 4.29
N GLY B 42 8.53 14.19 3.11
CA GLY B 42 9.43 15.02 2.32
C GLY B 42 10.43 14.27 1.47
N LEU B 43 10.06 13.15 0.85
CA LEU B 43 10.96 12.40 0.03
C LEU B 43 11.52 13.19 -1.13
N GLU B 44 10.75 14.11 -1.70
CA GLU B 44 11.26 14.95 -2.80
C GLU B 44 12.42 15.83 -2.37
N ILE B 45 12.32 16.32 -1.13
CA ILE B 45 13.39 17.14 -0.56
C ILE B 45 14.64 16.30 -0.39
N ILE B 46 14.47 15.10 0.17
CA ILE B 46 15.54 14.16 0.47
C ILE B 46 16.26 13.74 -0.80
N LEU B 47 15.56 13.61 -1.93
CA LEU B 47 16.20 13.14 -3.16
C LEU B 47 17.14 14.15 -3.79
N LYS B 48 17.00 15.45 -3.49
CA LYS B 48 17.78 16.44 -4.20
C LYS B 48 19.28 16.15 -4.04
N GLY B 49 19.97 16.22 -5.16
CA GLY B 49 21.42 16.08 -5.18
C GLY B 49 21.93 14.67 -5.31
N ARG B 50 21.05 13.66 -5.23
CA ARG B 50 21.47 12.28 -5.17
C ARG B 50 21.64 11.72 -6.58
N ASP B 51 22.20 10.52 -6.66
CA ASP B 51 22.36 9.79 -7.90
C ASP B 51 20.99 9.41 -8.44
N PRO B 52 20.64 9.74 -9.69
CA PRO B 52 19.34 9.34 -10.20
C PRO B 52 19.07 7.82 -10.11
N ARG B 53 20.12 6.99 -10.17
CA ARG B 53 19.90 5.56 -9.99
C ARG B 53 19.38 5.18 -8.61
N ASP B 54 19.59 6.03 -7.61
CA ASP B 54 19.17 5.73 -6.27
C ASP B 54 17.69 6.05 -6.05
N ALA B 55 17.09 6.86 -6.94
CA ALA B 55 15.74 7.37 -6.70
C ALA B 55 14.74 6.25 -6.43
N GLN B 56 14.75 5.20 -7.27
CA GLN B 56 13.72 4.16 -7.12
C GLN B 56 13.75 3.51 -5.75
N HIS B 57 14.93 3.42 -5.12
CA HIS B 57 15.05 2.76 -3.84
C HIS B 57 14.39 3.61 -2.76
N PHE B 58 14.60 4.93 -2.82
CA PHE B 58 13.92 5.88 -1.93
C PHE B 58 12.43 5.94 -2.21
N THR B 59 12.06 6.14 -3.47
CA THR B 59 10.68 6.40 -3.76
C THR B 59 9.84 5.15 -3.57
N GLN B 60 10.38 3.96 -3.64
CA GLN B 60 9.57 2.76 -3.37
C GLN B 60 9.00 2.87 -1.98
N ARG B 61 9.79 3.48 -1.05
CA ARG B 61 9.36 3.70 0.33
C ARG B 61 8.37 4.83 0.51
N THR B 62 7.90 5.39 -0.61
CA THR B 62 6.68 6.18 -0.52
C THR B 62 5.58 5.35 0.10
N CYS B 63 5.49 4.08 -0.28
CA CYS B 63 4.35 3.28 0.14
C CYS B 63 4.61 1.80 -0.05
N GLY B 64 4.26 1.06 1.00
CA GLY B 64 4.42 -0.39 1.01
C GLY B 64 3.13 -1.14 0.76
N VAL B 65 1.98 -0.46 0.65
CA VAL B 65 0.74 -1.09 0.21
C VAL B 65 0.85 -1.23 -1.29
N CSO B 66 0.96 -0.11 -2.02
CA CSO B 66 1.30 -0.11 -3.43
CB CSO B 66 0.65 1.09 -4.12
SG CSO B 66 1.34 2.70 -3.70
C CSO B 66 2.83 -0.18 -3.56
O CSO B 66 3.46 0.57 -4.26
OD CSO B 66 1.55 2.49 -2.15
N THR B 67 3.37 -1.23 -2.91
CA THR B 67 4.78 -1.54 -3.09
C THR B 67 5.00 -1.82 -4.59
N TYR B 68 6.21 -1.73 -4.96
CA TYR B 68 6.77 -1.86 -6.33
C TYR B 68 6.39 -0.71 -7.24
N THR B 69 5.15 -0.21 -7.17
CA THR B 69 4.70 0.80 -8.13
C THR B 69 5.62 2.02 -8.25
N HIS B 70 6.13 2.52 -7.12
CA HIS B 70 6.99 3.68 -7.21
C HIS B 70 8.38 3.32 -7.70
N ALA B 71 8.90 2.14 -7.38
CA ALA B 71 10.15 1.68 -7.98
C ALA B 71 9.99 1.65 -9.47
N LEU B 72 8.87 1.13 -9.97
CA LEU B 72 8.58 1.06 -11.38
C LEU B 72 8.49 2.45 -11.99
N ALA B 73 7.75 3.36 -11.33
CA ALA B 73 7.62 4.71 -11.86
C ALA B 73 8.96 5.42 -11.92
N SER B 74 9.75 5.30 -10.88
CA SER B 74 11.07 5.96 -10.89
C SER B 74 11.97 5.37 -11.94
N THR B 75 11.94 4.04 -12.07
CA THR B 75 12.78 3.42 -13.09
C THR B 75 12.32 3.79 -14.47
N ARG B 76 10.97 3.81 -14.74
CA ARG B 76 10.52 4.30 -16.01
C ARG B 76 10.97 5.74 -16.24
N CYS B 77 10.93 6.56 -15.19
CA CYS B 77 11.31 7.95 -15.28
C CYS B 77 12.78 8.10 -15.64
N VAL B 78 13.66 7.40 -14.95
CA VAL B 78 15.09 7.50 -15.25
C VAL B 78 15.40 6.82 -16.57
N ASP B 79 14.80 5.69 -16.90
CA ASP B 79 14.94 5.07 -18.19
C ASP B 79 14.66 6.12 -19.30
N ASN B 80 13.55 6.85 -19.13
CA ASN B 80 13.14 7.87 -20.09
C ASN B 80 14.15 9.01 -20.14
N ALA B 81 14.61 9.47 -18.98
CA ALA B 81 15.58 10.53 -18.95
C ALA B 81 16.87 10.19 -19.68
N VAL B 82 17.33 8.98 -19.56
CA VAL B 82 18.58 8.57 -20.17
C VAL B 82 18.39 8.05 -21.58
N GLY B 83 17.13 7.89 -22.01
CA GLY B 83 16.87 7.44 -23.36
C GLY B 83 17.10 5.96 -23.66
N VAL B 84 17.04 5.11 -22.64
CA VAL B 84 17.24 3.68 -22.85
C VAL B 84 15.89 3.07 -23.18
N HIS B 85 15.96 2.13 -24.10
CA HIS B 85 14.83 1.33 -24.48
C HIS B 85 15.09 -0.08 -23.98
N ILE B 86 14.36 -0.44 -22.91
CA ILE B 86 14.70 -1.67 -22.22
C ILE B 86 14.31 -2.89 -23.07
N PRO B 87 14.93 -4.03 -22.85
CA PRO B 87 14.61 -5.21 -23.63
C PRO B 87 13.16 -5.65 -23.42
N LYS B 88 12.63 -6.34 -24.43
CA LYS B 88 11.27 -6.86 -24.35
C LYS B 88 11.03 -7.66 -23.10
N ASN B 89 11.97 -8.52 -22.70
CA ASN B 89 11.75 -9.32 -21.51
C ASN B 89 11.68 -8.46 -20.23
N ALA B 90 12.44 -7.37 -20.19
CA ALA B 90 12.32 -6.50 -19.02
C ALA B 90 10.93 -5.88 -18.94
N THR B 91 10.36 -5.51 -20.08
CA THR B 91 8.96 -5.03 -20.10
C THR B 91 8.05 -6.12 -19.64
N TYR B 92 8.21 -7.34 -20.15
CA TYR B 92 7.32 -8.42 -19.70
C TYR B 92 7.44 -8.64 -18.22
N ILE B 93 8.65 -8.77 -17.70
CA ILE B 93 8.80 -9.07 -16.29
C ILE B 93 8.25 -7.97 -15.41
N ARG B 94 8.57 -6.73 -15.78
CA ARG B 94 8.05 -5.59 -15.01
C ARG B 94 6.51 -5.58 -15.04
N ASN B 95 5.94 -5.86 -16.22
CA ASN B 95 4.49 -5.89 -16.36
C ASN B 95 3.86 -7.01 -15.57
N LEU B 96 4.48 -8.17 -15.56
CA LEU B 96 3.92 -9.32 -14.81
C LEU B 96 3.91 -9.06 -13.32
N VAL B 97 5.02 -8.48 -12.82
CA VAL B 97 5.05 -8.13 -11.36
C VAL B 97 4.00 -7.09 -11.05
N LEU B 98 3.77 -6.13 -11.96
CA LEU B 98 2.73 -5.13 -11.71
C LEU B 98 1.35 -5.74 -11.73
N GLY B 99 1.09 -6.65 -12.70
CA GLY B 99 -0.21 -7.33 -12.69
C GLY B 99 -0.44 -8.06 -11.39
N ALA B 100 0.59 -8.77 -10.94
CA ALA B 100 0.47 -9.44 -9.64
C ALA B 100 0.20 -8.46 -8.53
N GLN B 101 0.81 -7.30 -8.51
CA GLN B 101 0.53 -6.30 -7.50
C GLN B 101 -0.92 -5.88 -7.48
N TYR B 102 -1.51 -5.65 -8.67
CA TYR B 102 -2.93 -5.30 -8.73
C TYR B 102 -3.80 -6.33 -8.01
N LEU B 103 -3.52 -7.60 -8.28
CA LEU B 103 -4.40 -8.66 -7.75
C LEU B 103 -4.27 -8.68 -6.24
N HIS B 104 -3.04 -8.64 -5.71
CA HIS B 104 -2.82 -8.64 -4.24
C HIS B 104 -3.55 -7.46 -3.61
N ASP B 105 -3.30 -6.28 -4.20
CA ASP B 105 -3.75 -5.03 -3.64
C ASP B 105 -5.28 -4.98 -3.58
N HIS B 106 -5.92 -5.23 -4.71
CA HIS B 106 -7.37 -5.13 -4.73
C HIS B 106 -8.05 -6.19 -3.87
N ILE B 107 -7.53 -7.42 -3.81
CA ILE B 107 -8.14 -8.42 -2.91
C ILE B 107 -8.10 -7.96 -1.48
N VAL B 108 -6.91 -7.51 -1.02
CA VAL B 108 -6.75 -7.03 0.34
C VAL B 108 -7.62 -5.80 0.57
N HIS B 109 -7.75 -4.91 -0.42
CA HIS B 109 -8.60 -3.76 -0.21
C HIS B 109 -10.04 -4.16 0.06
N PHE B 110 -10.60 -4.99 -0.85
CA PHE B 110 -12.02 -5.31 -0.67
C PHE B 110 -12.29 -5.96 0.68
N TYR B 111 -11.52 -7.00 0.99
CA TYR B 111 -11.80 -7.74 2.21
C TYR B 111 -11.32 -7.01 3.44
N HIS B 112 -10.04 -6.64 3.48
CA HIS B 112 -9.41 -6.29 4.72
C HIS B 112 -9.50 -4.79 5.03
N LEU B 113 -9.74 -3.98 4.01
CA LEU B 113 -9.91 -2.54 4.22
C LEU B 113 -11.34 -2.12 4.08
N HIS B 114 -12.07 -2.57 3.06
CA HIS B 114 -13.41 -2.03 2.78
C HIS B 114 -14.54 -2.80 3.48
N ALA B 115 -14.44 -4.10 3.53
CA ALA B 115 -15.64 -4.90 3.84
C ALA B 115 -16.21 -4.68 5.21
N LEU B 116 -15.39 -4.30 6.21
CA LEU B 116 -15.96 -4.06 7.53
C LEU B 116 -16.85 -2.84 7.57
N ASP B 117 -16.91 -2.02 6.52
CA ASP B 117 -17.94 -1.01 6.39
C ASP B 117 -19.33 -1.56 6.03
N PHE B 118 -19.38 -2.81 5.57
CA PHE B 118 -20.62 -3.39 5.09
C PHE B 118 -20.98 -4.73 5.71
N VAL B 119 -20.05 -5.39 6.37
CA VAL B 119 -20.18 -6.70 6.95
C VAL B 119 -20.13 -6.55 8.45
N ASP B 120 -21.14 -7.07 9.13
CA ASP B 120 -21.26 -7.23 10.54
C ASP B 120 -20.74 -8.60 10.87
N VAL B 121 -19.48 -8.68 11.26
CA VAL B 121 -18.85 -9.98 11.57
C VAL B 121 -19.54 -10.63 12.75
N THR B 122 -19.92 -9.87 13.74
CA THR B 122 -20.57 -10.51 14.92
C THR B 122 -21.94 -11.07 14.58
N ALA B 123 -22.69 -10.52 13.62
CA ALA B 123 -23.95 -11.06 13.20
C ALA B 123 -23.76 -12.42 12.52
N ALA B 124 -22.59 -12.76 12.03
CA ALA B 124 -22.32 -14.07 11.48
C ALA B 124 -22.51 -15.16 12.49
N LEU B 125 -22.40 -14.85 13.76
CA LEU B 125 -22.60 -15.84 14.80
C LEU B 125 -24.04 -16.37 14.86
N LYS B 126 -24.97 -15.61 14.39
CA LYS B 126 -26.41 -15.89 14.42
C LYS B 126 -26.84 -16.66 13.18
N ALA B 127 -25.91 -16.87 12.23
CA ALA B 127 -26.27 -17.41 10.96
C ALA B 127 -26.55 -18.91 11.03
N ASP B 128 -27.40 -19.33 10.11
CA ASP B 128 -27.60 -20.76 9.83
C ASP B 128 -26.54 -21.19 8.83
N PRO B 129 -25.54 -21.98 9.19
CA PRO B 129 -24.46 -22.29 8.24
C PRO B 129 -24.93 -23.11 7.06
N ALA B 130 -25.99 -23.91 7.23
CA ALA B 130 -26.49 -24.66 6.10
C ALA B 130 -27.12 -23.72 5.06
N LYS B 131 -27.91 -22.75 5.51
CA LYS B 131 -28.47 -21.76 4.59
C LYS B 131 -27.35 -20.96 3.96
N ALA B 132 -26.38 -20.54 4.78
CA ALA B 132 -25.30 -19.75 4.22
C ALA B 132 -24.55 -20.52 3.15
N ALA B 133 -24.33 -21.81 3.35
CA ALA B 133 -23.60 -22.61 2.38
C ALA B 133 -24.33 -22.71 1.05
N LYS B 134 -25.67 -22.83 1.14
CA LYS B 134 -26.48 -22.85 -0.05
C LYS B 134 -26.35 -21.56 -0.84
N VAL B 135 -26.40 -20.43 -0.13
CA VAL B 135 -26.23 -19.12 -0.79
C VAL B 135 -24.85 -19.05 -1.40
N ALA B 136 -23.80 -19.44 -0.67
CA ALA B 136 -22.43 -19.35 -1.17
C ALA B 136 -22.28 -20.19 -2.41
N SER B 137 -22.90 -21.35 -2.40
CA SER B 137 -22.77 -22.26 -3.56
C SER B 137 -23.57 -21.81 -4.73
N SER B 138 -24.58 -20.95 -4.52
CA SER B 138 -25.39 -20.41 -5.61
C SER B 138 -24.73 -19.26 -6.34
N ILE B 139 -23.75 -18.59 -5.72
CA ILE B 139 -23.14 -17.45 -6.36
C ILE B 139 -21.80 -17.76 -6.96
N SER B 140 -21.27 -18.93 -6.72
CA SER B 140 -19.94 -19.28 -7.17
C SER B 140 -19.87 -20.69 -7.69
N PRO B 141 -19.02 -21.01 -8.64
CA PRO B 141 -18.87 -22.45 -9.01
C PRO B 141 -18.18 -23.32 -7.97
N ARG B 142 -17.37 -22.76 -7.09
CA ARG B 142 -16.90 -23.28 -5.89
C ARG B 142 -18.03 -23.66 -4.92
N LYS B 143 -18.08 -24.91 -4.54
CA LYS B 143 -19.07 -25.40 -3.62
C LYS B 143 -18.56 -25.25 -2.21
N THR B 144 -19.40 -24.76 -1.37
CA THR B 144 -19.20 -24.58 0.05
C THR B 144 -20.29 -25.37 0.80
N THR B 145 -19.87 -26.08 1.85
CA THR B 145 -20.84 -26.84 2.65
C THR B 145 -21.08 -26.18 3.99
N ALA B 146 -22.15 -26.67 4.63
CA ALA B 146 -22.52 -26.22 5.95
C ALA B 146 -21.36 -26.41 6.93
N ALA B 147 -20.66 -27.55 6.84
CA ALA B 147 -19.58 -27.80 7.76
C ALA B 147 -18.44 -26.81 7.54
N ASP B 148 -18.16 -26.40 6.33
CA ASP B 148 -17.12 -25.46 5.98
C ASP B 148 -17.38 -24.17 6.71
N LEU B 149 -18.64 -23.73 6.64
CA LEU B 149 -18.97 -22.45 7.26
C LEU B 149 -19.16 -22.53 8.77
N LYS B 150 -19.60 -23.70 9.25
CA LYS B 150 -19.66 -23.86 10.71
C LYS B 150 -18.27 -23.78 11.33
N ALA B 151 -17.25 -24.30 10.62
CA ALA B 151 -15.89 -24.19 11.18
C ALA B 151 -15.52 -22.73 11.39
N VAL B 152 -15.86 -21.86 10.45
CA VAL B 152 -15.60 -20.43 10.63
C VAL B 152 -16.39 -19.87 11.79
N GLN B 153 -17.68 -20.20 11.87
CA GLN B 153 -18.50 -19.75 12.95
C GLN B 153 -17.98 -20.20 14.30
N ASP B 154 -17.54 -21.46 14.42
CA ASP B 154 -17.02 -21.92 15.68
C ASP B 154 -15.80 -21.14 16.11
N LYS B 155 -14.91 -20.86 15.15
CA LYS B 155 -13.66 -20.15 15.46
C LYS B 155 -14.04 -18.77 15.88
N LEU B 156 -14.95 -18.13 15.16
CA LEU B 156 -15.40 -16.78 15.53
C LEU B 156 -16.07 -16.74 16.88
N LYS B 157 -16.86 -17.77 17.19
CA LYS B 157 -17.55 -17.77 18.47
C LYS B 157 -16.52 -17.83 19.60
N THR B 158 -15.51 -18.69 19.46
CA THR B 158 -14.49 -18.76 20.48
C THR B 158 -13.78 -17.43 20.69
N PHE B 159 -13.47 -16.78 19.57
CA PHE B 159 -12.84 -15.45 19.59
C PHE B 159 -13.74 -14.46 20.29
N VAL B 160 -14.99 -14.32 19.88
CA VAL B 160 -15.88 -13.30 20.49
C VAL B 160 -16.12 -13.58 21.96
N GLU B 161 -16.29 -14.84 22.36
CA GLU B 161 -16.56 -15.23 23.72
C GLU B 161 -15.38 -14.97 24.66
N THR B 162 -14.22 -14.76 24.05
CA THR B 162 -13.10 -14.43 24.90
C THR B 162 -13.23 -13.01 25.43
N GLY B 163 -14.07 -12.19 24.86
CA GLY B 163 -14.26 -10.78 25.12
C GLY B 163 -13.19 -9.89 24.60
N GLN B 164 -12.16 -10.37 24.02
CA GLN B 164 -11.04 -9.71 23.36
C GLN B 164 -11.33 -9.63 21.88
N LEU B 165 -12.05 -8.62 21.49
CA LEU B 165 -12.49 -8.44 20.09
C LEU B 165 -11.40 -7.93 19.16
N GLY B 166 -10.28 -7.49 19.71
CA GLY B 166 -9.12 -7.17 18.87
C GLY B 166 -9.47 -6.17 17.80
N PRO B 167 -9.24 -6.49 16.53
CA PRO B 167 -9.56 -5.52 15.47
C PRO B 167 -11.05 -5.16 15.37
N PHE B 168 -11.94 -5.88 16.04
CA PHE B 168 -13.37 -5.56 15.92
C PHE B 168 -13.84 -4.72 17.09
N THR B 169 -12.95 -4.33 18.00
CA THR B 169 -13.29 -3.56 19.15
C THR B 169 -13.93 -2.22 18.75
N ASN B 170 -15.07 -1.90 19.30
CA ASN B 170 -15.82 -0.69 19.01
C ASN B 170 -16.21 -0.52 17.57
N ALA B 171 -16.36 -1.63 16.87
CA ALA B 171 -16.78 -1.55 15.48
C ALA B 171 -18.11 -0.85 15.40
N TYR B 172 -18.34 -0.16 14.29
CA TYR B 172 -19.58 0.60 14.11
C TYR B 172 -20.81 -0.34 14.06
N PHE B 173 -20.61 -1.59 13.71
CA PHE B 173 -21.72 -2.56 13.66
C PHE B 173 -22.06 -3.21 15.00
N LEU B 174 -21.22 -3.08 16.02
CA LEU B 174 -21.47 -3.78 17.27
C LEU B 174 -22.77 -3.33 17.87
N GLY B 175 -23.61 -4.27 18.21
CA GLY B 175 -24.91 -3.86 18.76
C GLY B 175 -25.96 -3.65 17.70
N GLY B 176 -25.62 -3.67 16.45
CA GLY B 176 -26.46 -3.34 15.35
C GLY B 176 -26.30 -1.88 14.95
N HIS B 177 -26.61 -1.60 13.67
CA HIS B 177 -26.47 -0.24 13.14
C HIS B 177 -27.41 -0.12 11.96
N PRO B 178 -28.18 0.96 11.86
CA PRO B 178 -29.19 1.02 10.82
C PRO B 178 -28.73 0.99 9.38
N ALA B 179 -27.55 1.31 9.02
CA ALA B 179 -26.88 1.36 7.77
C ALA B 179 -26.22 0.02 7.43
N TYR B 180 -26.23 -0.95 8.32
CA TYR B 180 -25.69 -2.30 8.05
C TYR B 180 -26.87 -3.16 7.65
N TYR B 181 -26.92 -3.70 6.45
CA TYR B 181 -28.05 -4.34 5.90
C TYR B 181 -27.95 -5.85 5.77
N LEU B 182 -26.80 -6.46 5.79
CA LEU B 182 -26.68 -7.85 5.39
C LEU B 182 -27.39 -8.75 6.39
N ASP B 183 -27.94 -9.86 5.89
CA ASP B 183 -28.47 -10.90 6.75
C ASP B 183 -27.34 -11.72 7.37
N PRO B 184 -27.63 -12.52 8.40
CA PRO B 184 -26.54 -13.22 9.09
C PRO B 184 -25.77 -14.12 8.18
N GLU B 185 -26.45 -14.82 7.26
CA GLU B 185 -25.82 -15.75 6.41
C GLU B 185 -24.85 -15.10 5.45
N THR B 186 -25.22 -13.97 4.88
CA THR B 186 -24.31 -13.23 4.01
C THR B 186 -23.13 -12.65 4.76
N ASN B 187 -23.37 -12.20 6.01
CA ASN B 187 -22.26 -11.82 6.86
C ASN B 187 -21.30 -12.95 7.09
N LEU B 188 -21.83 -14.18 7.31
CA LEU B 188 -21.00 -15.34 7.52
C LEU B 188 -20.16 -15.69 6.28
N ILE B 189 -20.78 -15.66 5.11
CA ILE B 189 -20.06 -15.89 3.88
C ILE B 189 -18.90 -14.92 3.73
N ALA B 190 -19.22 -13.62 3.91
CA ALA B 190 -18.18 -12.60 3.73
C ALA B 190 -17.08 -12.74 4.74
N THR B 191 -17.43 -13.07 6.00
CA THR B 191 -16.45 -13.26 7.04
C THR B 191 -15.56 -14.44 6.77
N ALA B 192 -16.15 -15.57 6.33
CA ALA B 192 -15.35 -16.72 5.93
C ALA B 192 -14.36 -16.33 4.86
N HIS B 193 -14.79 -15.57 3.87
CA HIS B 193 -13.91 -15.21 2.77
C HIS B 193 -12.90 -14.14 3.17
N TYR B 194 -13.22 -13.26 4.10
CA TYR B 194 -12.22 -12.35 4.70
C TYR B 194 -11.08 -13.15 5.27
N LEU B 195 -11.43 -14.17 6.07
CA LEU B 195 -10.40 -15.02 6.67
C LEU B 195 -9.62 -15.79 5.63
N GLU B 196 -10.31 -16.37 4.65
CA GLU B 196 -9.63 -17.07 3.57
C GLU B 196 -8.65 -16.16 2.81
N ALA B 197 -9.08 -14.94 2.57
CA ALA B 197 -8.29 -13.96 1.88
C ALA B 197 -7.02 -13.62 2.66
N LEU B 198 -7.02 -13.69 3.99
CA LEU B 198 -5.78 -13.47 4.72
C LEU B 198 -4.69 -14.45 4.29
N ARG B 199 -5.04 -15.71 4.05
CA ARG B 199 -4.06 -16.67 3.56
C ARG B 199 -3.83 -16.57 2.05
N LEU B 200 -4.87 -16.32 1.27
CA LEU B 200 -4.69 -16.27 -0.18
C LEU B 200 -3.76 -15.14 -0.52
N GLN B 201 -3.87 -14.00 0.16
CA GLN B 201 -3.02 -12.84 -0.21
C GLN B 201 -1.53 -13.19 -0.01
N VAL B 202 -1.19 -14.12 0.86
CA VAL B 202 0.21 -14.56 0.99
C VAL B 202 0.69 -15.06 -0.36
N LYS B 203 -0.11 -15.86 -1.04
CA LYS B 203 0.23 -16.41 -2.35
C LYS B 203 0.29 -15.33 -3.43
N ALA B 204 -0.69 -14.42 -3.38
CA ALA B 204 -0.72 -13.35 -4.36
C ALA B 204 0.55 -12.48 -4.26
N ALA B 205 0.97 -12.20 -3.03
CA ALA B 205 2.21 -11.43 -2.86
C ALA B 205 3.45 -12.20 -3.20
N ARG B 206 3.46 -13.52 -2.86
CA ARG B 206 4.58 -14.37 -3.22
C ARG B 206 4.82 -14.33 -4.72
N ALA B 207 3.76 -14.25 -5.54
CA ALA B 207 3.94 -14.19 -6.99
C ALA B 207 4.89 -13.07 -7.38
N MET B 208 4.81 -11.94 -6.70
CA MET B 208 5.74 -10.83 -6.96
C MET B 208 7.19 -11.16 -6.62
N ALA B 209 7.40 -11.90 -5.57
CA ALA B 209 8.74 -12.23 -5.12
C ALA B 209 9.43 -13.21 -6.02
N VAL B 210 8.67 -14.03 -6.74
CA VAL B 210 9.26 -15.04 -7.62
C VAL B 210 10.27 -14.42 -8.57
N PHE B 211 9.85 -13.31 -9.23
CA PHE B 211 10.75 -12.57 -10.11
C PHE B 211 11.38 -11.38 -9.36
N GLY B 212 10.67 -10.84 -8.39
CA GLY B 212 10.97 -9.52 -7.83
C GLY B 212 11.70 -9.53 -6.51
N ALA B 213 12.21 -10.61 -6.06
CA ALA B 213 13.05 -10.81 -4.86
C ALA B 213 12.26 -10.99 -3.59
N LYS B 214 11.28 -10.09 -3.34
CA LYS B 214 10.61 -10.04 -2.03
C LYS B 214 9.44 -9.11 -2.15
N ASN B 215 8.47 -9.35 -1.25
CA ASN B 215 7.33 -8.47 -1.08
C ASN B 215 7.10 -8.41 0.42
N PRO B 216 7.07 -7.20 1.01
CA PRO B 216 7.10 -5.90 0.33
C PRO B 216 8.50 -5.47 -0.08
N HIS B 217 8.51 -4.57 -1.01
CA HIS B 217 9.56 -3.70 -1.57
C HIS B 217 10.46 -4.57 -2.42
N THR B 218 10.06 -4.73 -3.67
CA THR B 218 10.78 -5.52 -4.62
C THR B 218 12.18 -4.99 -4.88
N GLN B 219 13.03 -5.83 -5.47
CA GLN B 219 14.44 -5.47 -5.67
C GLN B 219 14.97 -6.24 -6.86
N PHE B 220 14.44 -5.88 -8.03
CA PHE B 220 14.82 -6.50 -9.31
C PHE B 220 14.90 -5.54 -10.46
N THR B 221 14.56 -4.25 -10.28
CA THR B 221 14.58 -3.27 -11.33
C THR B 221 15.88 -2.51 -11.31
N VAL B 222 16.35 -2.16 -12.50
CA VAL B 222 17.49 -1.25 -12.68
C VAL B 222 17.18 -0.37 -13.87
N VAL B 223 17.86 0.75 -13.96
CA VAL B 223 17.82 1.52 -15.22
C VAL B 223 18.29 0.58 -16.32
N GLY B 224 17.55 0.53 -17.42
CA GLY B 224 17.88 -0.37 -18.50
C GLY B 224 17.19 -1.70 -18.53
N GLY B 225 16.53 -2.10 -17.43
CA GLY B 225 15.80 -3.36 -17.47
C GLY B 225 15.55 -3.96 -16.09
N VAL B 226 15.91 -5.22 -15.95
CA VAL B 226 15.73 -5.96 -14.70
C VAL B 226 16.97 -6.80 -14.49
N THR B 227 17.10 -7.36 -13.31
CA THR B 227 18.31 -8.05 -12.89
C THR B 227 18.15 -9.55 -12.75
N CYS B 228 16.88 -10.02 -12.77
CA CYS B 228 16.53 -11.38 -12.35
C CYS B 228 16.67 -12.38 -13.49
N TYR B 229 17.93 -12.78 -13.75
CA TYR B 229 18.17 -13.85 -14.75
C TYR B 229 17.38 -15.12 -14.39
N ASP B 230 17.14 -15.39 -13.12
CA ASP B 230 16.45 -16.61 -12.77
C ASP B 230 15.01 -16.55 -13.25
N ALA B 231 14.48 -15.36 -13.54
CA ALA B 231 13.11 -15.23 -14.03
C ALA B 231 12.93 -15.82 -15.40
N LEU B 232 14.01 -16.09 -16.12
CA LEU B 232 13.97 -16.72 -17.41
C LEU B 232 13.79 -18.22 -17.33
N THR B 233 13.96 -18.79 -16.14
CA THR B 233 14.01 -20.23 -16.02
C THR B 233 12.59 -20.83 -16.02
N PRO B 234 12.46 -22.00 -16.59
CA PRO B 234 11.13 -22.64 -16.56
C PRO B 234 10.62 -22.84 -15.14
N GLN B 235 11.47 -23.09 -14.14
CA GLN B 235 11.06 -23.33 -12.78
C GLN B 235 10.45 -22.08 -12.16
N ARG B 236 11.09 -20.94 -12.31
CA ARG B 236 10.52 -19.71 -11.74
C ARG B 236 9.25 -19.37 -12.48
N ILE B 237 9.20 -19.51 -13.79
CA ILE B 237 7.98 -19.19 -14.52
C ILE B 237 6.87 -20.08 -14.07
N ALA B 238 7.12 -21.34 -13.86
CA ALA B 238 6.08 -22.27 -13.37
C ALA B 238 5.58 -21.91 -11.99
N GLU B 239 6.49 -21.46 -11.13
CA GLU B 239 6.13 -21.05 -9.79
C GLU B 239 5.22 -19.89 -9.83
N PHE B 240 5.58 -18.87 -10.60
CA PHE B 240 4.72 -17.70 -10.82
C PHE B 240 3.37 -18.12 -11.34
N GLU B 241 3.38 -18.96 -12.36
CA GLU B 241 2.15 -19.33 -13.01
C GLU B 241 1.19 -20.02 -12.03
N ALA B 242 1.71 -20.89 -11.18
CA ALA B 242 0.87 -21.58 -10.21
C ALA B 242 0.26 -20.64 -9.22
N LEU B 243 1.04 -19.65 -8.75
CA LEU B 243 0.51 -18.66 -7.80
C LEU B 243 -0.52 -17.78 -8.47
N TRP B 244 -0.26 -17.34 -9.69
CA TRP B 244 -1.19 -16.54 -10.46
C TRP B 244 -2.49 -17.34 -10.67
N LYS B 245 -2.41 -18.59 -11.07
CA LYS B 245 -3.63 -19.33 -11.35
C LYS B 245 -4.49 -19.42 -10.09
N GLU B 246 -3.90 -19.68 -8.92
CA GLU B 246 -4.66 -19.78 -7.68
C GLU B 246 -5.25 -18.42 -7.30
N THR B 247 -4.48 -17.37 -7.50
CA THR B 247 -4.96 -16.02 -7.19
C THR B 247 -6.13 -15.67 -8.08
N LYS B 248 -6.01 -15.93 -9.41
CA LYS B 248 -7.08 -15.67 -10.35
C LYS B 248 -8.33 -16.48 -9.97
N ALA B 249 -8.18 -17.73 -9.56
CA ALA B 249 -9.36 -18.51 -9.16
C ALA B 249 -10.04 -17.84 -8.01
N PHE B 250 -9.29 -17.32 -7.02
CA PHE B 250 -9.90 -16.63 -5.91
C PHE B 250 -10.64 -15.37 -6.37
N VAL B 251 -10.03 -14.60 -7.27
CA VAL B 251 -10.69 -13.43 -7.81
C VAL B 251 -12.06 -13.81 -8.41
N ASP B 252 -12.00 -14.85 -9.29
CA ASP B 252 -13.16 -15.19 -10.09
C ASP B 252 -14.24 -15.88 -9.27
N GLU B 253 -13.84 -16.72 -8.29
CA GLU B 253 -14.77 -17.57 -7.58
C GLU B 253 -15.17 -17.06 -6.21
N VAL B 254 -14.40 -16.12 -5.63
CA VAL B 254 -14.62 -15.66 -4.27
C VAL B 254 -14.87 -14.15 -4.24
N TYR B 255 -13.89 -13.37 -4.67
CA TYR B 255 -14.01 -11.90 -4.63
C TYR B 255 -15.16 -11.41 -5.49
N ILE B 256 -15.17 -11.71 -6.77
CA ILE B 256 -16.21 -11.12 -7.60
C ILE B 256 -17.62 -11.53 -7.14
N PRO B 257 -17.89 -12.79 -6.87
CA PRO B 257 -19.24 -13.10 -6.38
C PRO B 257 -19.60 -12.40 -5.08
N ASP B 258 -18.65 -12.23 -4.17
CA ASP B 258 -18.92 -11.53 -2.93
C ASP B 258 -19.22 -10.04 -3.16
N LEU B 259 -18.40 -9.45 -4.03
CA LEU B 259 -18.62 -8.06 -4.40
C LEU B 259 -20.04 -7.88 -4.94
N LEU B 260 -20.50 -8.80 -5.80
CA LEU B 260 -21.80 -8.64 -6.39
C LEU B 260 -22.93 -8.87 -5.36
N VAL B 261 -22.77 -9.83 -4.45
CA VAL B 261 -23.83 -10.09 -3.47
C VAL B 261 -23.91 -8.90 -2.51
N VAL B 262 -22.79 -8.31 -2.11
CA VAL B 262 -22.83 -7.12 -1.27
C VAL B 262 -23.37 -5.93 -2.03
N ALA B 263 -22.98 -5.68 -3.27
CA ALA B 263 -23.48 -4.57 -4.07
C ALA B 263 -24.98 -4.67 -4.22
N ALA B 264 -25.49 -5.89 -4.47
CA ALA B 264 -26.90 -6.05 -4.62
C ALA B 264 -27.65 -5.70 -3.36
N ALA B 265 -27.10 -5.95 -2.20
CA ALA B 265 -27.75 -5.63 -0.93
C ALA B 265 -27.69 -4.16 -0.60
N TYR B 266 -26.74 -3.44 -1.17
CA TYR B 266 -26.53 -2.03 -0.88
C TYR B 266 -26.77 -1.20 -2.14
N LYS B 267 -27.76 -1.51 -2.92
CA LYS B 267 -28.01 -0.84 -4.19
C LYS B 267 -28.33 0.64 -4.03
N ASP B 268 -28.77 1.08 -2.85
CA ASP B 268 -28.94 2.52 -2.57
C ASP B 268 -27.64 3.25 -2.72
N TRP B 269 -26.49 2.59 -2.61
CA TRP B 269 -25.16 3.17 -2.73
C TRP B 269 -24.78 3.52 -4.14
N THR B 270 -25.66 3.29 -5.12
CA THR B 270 -25.55 3.90 -6.44
C THR B 270 -25.87 5.39 -6.43
N GLN B 271 -26.43 5.90 -5.34
CA GLN B 271 -26.94 7.27 -5.27
C GLN B 271 -25.97 8.22 -4.61
N TYR B 272 -24.87 7.73 -4.06
CA TYR B 272 -23.93 8.58 -3.35
C TYR B 272 -22.53 8.39 -3.88
N GLY B 273 -21.72 9.44 -3.72
CA GLY B 273 -20.29 9.44 -3.98
C GLY B 273 -19.83 9.49 -5.42
N GLY B 274 -20.62 10.11 -6.26
CA GLY B 274 -20.28 10.37 -7.62
C GLY B 274 -19.29 11.50 -7.75
N THR B 275 -18.64 11.49 -8.91
CA THR B 275 -17.62 12.49 -9.30
C THR B 275 -17.81 12.83 -10.76
N ASP B 276 -17.16 13.92 -11.19
CA ASP B 276 -17.35 14.49 -12.50
C ASP B 276 -16.30 14.15 -13.54
N ASN B 277 -15.04 14.17 -13.16
CA ASN B 277 -13.93 14.15 -14.13
C ASN B 277 -12.98 12.98 -13.78
N PHE B 278 -12.34 12.43 -14.83
CA PHE B 278 -11.58 11.22 -14.71
C PHE B 278 -10.27 11.32 -15.53
N ILE B 279 -9.18 10.80 -14.94
CA ILE B 279 -7.90 10.75 -15.65
C ILE B 279 -7.26 9.40 -15.42
N THR B 280 -6.61 8.89 -16.46
CA THR B 280 -5.96 7.56 -16.38
C THR B 280 -4.77 7.60 -17.32
N PHE B 281 -3.72 6.90 -17.03
CA PHE B 281 -2.46 6.94 -17.78
C PHE B 281 -2.20 5.75 -18.67
N GLY B 282 -2.99 4.70 -18.57
CA GLY B 282 -2.79 3.46 -19.27
C GLY B 282 -1.76 2.59 -18.56
N GLU B 283 -1.77 1.28 -18.84
CA GLU B 283 -0.80 0.40 -18.21
C GLU B 283 -0.62 -0.85 -19.05
N PHE B 284 0.55 -1.45 -18.85
CA PHE B 284 1.02 -2.73 -19.45
C PHE B 284 1.47 -2.45 -20.88
N PRO B 285 2.56 -1.73 -21.06
CA PRO B 285 3.03 -1.36 -22.41
C PRO B 285 3.62 -2.49 -23.22
N LYS B 286 3.46 -2.33 -24.52
CA LYS B 286 4.35 -2.99 -25.49
C LYS B 286 5.55 -2.14 -25.80
N ASP B 287 5.41 -0.83 -25.74
CA ASP B 287 6.44 0.14 -26.05
C ASP B 287 6.51 1.08 -24.87
N GLU B 288 7.66 1.12 -24.21
CA GLU B 288 7.84 1.98 -23.04
C GLU B 288 7.75 3.45 -23.31
N TYR B 289 7.84 3.86 -24.57
CA TYR B 289 7.76 5.24 -24.98
C TYR B 289 6.43 5.62 -25.62
N ASP B 290 5.44 4.74 -25.63
CA ASP B 290 4.16 5.04 -26.25
C ASP B 290 3.03 4.57 -25.33
N LEU B 291 2.40 5.52 -24.63
CA LEU B 291 1.31 5.21 -23.71
C LEU B 291 0.20 4.48 -24.44
N ASN B 292 0.03 4.80 -25.75
CA ASN B 292 -1.04 4.16 -26.51
C ASN B 292 -0.78 2.73 -26.95
N SER B 293 0.39 2.21 -26.55
CA SER B 293 0.70 0.81 -26.73
C SER B 293 0.32 -0.04 -25.56
N ARG B 294 -0.26 0.59 -24.56
CA ARG B 294 -0.62 -0.10 -23.29
C ARG B 294 -1.95 -0.82 -23.43
N PHE B 295 -2.07 -1.89 -22.71
CA PHE B 295 -3.29 -2.71 -22.73
C PHE B 295 -4.51 -1.92 -22.30
N PHE B 296 -4.32 -1.09 -21.26
CA PHE B 296 -5.29 -0.02 -20.95
C PHE B 296 -4.67 1.26 -21.47
N LYS B 297 -5.42 2.08 -22.18
CA LYS B 297 -4.90 3.29 -22.77
C LYS B 297 -5.15 4.51 -21.86
N PRO B 298 -4.32 5.55 -22.01
CA PRO B 298 -4.54 6.78 -21.25
C PRO B 298 -5.77 7.53 -21.75
N GLY B 299 -6.28 8.47 -20.99
CA GLY B 299 -7.37 9.32 -21.43
C GLY B 299 -7.79 10.26 -20.33
N VAL B 300 -8.56 11.27 -20.73
CA VAL B 300 -9.09 12.29 -19.86
C VAL B 300 -10.56 12.49 -20.21
N VAL B 301 -11.43 12.51 -19.23
CA VAL B 301 -12.85 12.81 -19.42
C VAL B 301 -13.29 13.89 -18.44
N PHE B 302 -14.00 14.86 -18.99
CA PHE B 302 -14.58 15.94 -18.21
C PHE B 302 -16.11 15.80 -18.14
N LYS B 303 -16.66 16.03 -16.97
CA LYS B 303 -18.13 16.10 -16.77
C LYS B 303 -18.81 14.87 -17.32
N ARG B 304 -18.23 13.68 -17.08
CA ARG B 304 -18.78 12.43 -17.51
C ARG B 304 -19.07 12.31 -18.99
N ASP B 305 -18.37 13.09 -19.82
CA ASP B 305 -18.59 13.13 -21.25
C ASP B 305 -17.69 12.08 -21.93
N PHE B 306 -18.09 10.80 -21.82
CA PHE B 306 -17.28 9.66 -22.28
C PHE B 306 -17.38 9.48 -23.77
N LYS B 307 -18.26 10.21 -24.44
CA LYS B 307 -18.22 10.17 -25.89
C LYS B 307 -17.12 11.06 -26.40
N ASN B 308 -16.49 11.89 -25.56
CA ASN B 308 -15.45 12.86 -25.97
C ASN B 308 -14.20 12.68 -25.09
N ILE B 309 -13.56 11.54 -25.19
CA ILE B 309 -12.38 11.27 -24.40
C ILE B 309 -11.26 12.14 -25.00
N LYS B 310 -10.60 12.88 -24.17
CA LYS B 310 -9.55 13.75 -24.57
C LYS B 310 -8.21 13.07 -24.41
N PRO B 311 -7.27 13.40 -25.26
CA PRO B 311 -5.93 12.83 -25.06
C PRO B 311 -5.36 13.35 -23.79
N PHE B 312 -4.49 12.56 -23.19
CA PHE B 312 -3.74 13.00 -22.04
C PHE B 312 -2.52 13.81 -22.44
N ASP B 313 -2.51 15.06 -22.04
CA ASP B 313 -1.38 15.99 -22.27
C ASP B 313 -0.67 16.17 -20.95
N LYS B 314 0.52 15.62 -20.80
CA LYS B 314 1.25 15.66 -19.54
C LYS B 314 1.63 17.07 -19.14
N MET B 315 1.59 18.04 -20.04
CA MET B 315 1.94 19.40 -19.70
C MET B 315 0.78 20.15 -19.04
N GLN B 316 -0.40 19.55 -18.96
CA GLN B 316 -1.57 20.21 -18.41
C GLN B 316 -1.80 19.85 -16.93
N ILE B 317 -0.87 19.19 -16.30
CA ILE B 317 -0.87 18.91 -14.88
C ILE B 317 -0.20 20.06 -14.13
N GLU B 318 -0.90 20.63 -13.16
CA GLU B 318 -0.25 21.52 -12.19
C GLU B 318 -0.67 21.12 -10.77
N GLU B 319 0.22 21.23 -9.82
CA GLU B 319 -0.08 20.93 -8.43
C GLU B 319 -0.18 22.20 -7.63
N HIS B 320 -1.35 22.40 -7.06
CA HIS B 320 -1.69 23.55 -6.26
C HIS B 320 -1.23 23.37 -4.81
N VAL B 321 -0.97 24.53 -4.21
CA VAL B 321 -0.62 24.58 -2.81
C VAL B 321 -1.45 25.58 -2.01
N ARG B 322 -2.36 26.33 -2.62
CA ARG B 322 -3.06 27.36 -1.85
C ARG B 322 -3.75 26.86 -0.58
N HIS B 323 -4.31 25.63 -0.61
CA HIS B 323 -5.00 25.09 0.56
C HIS B 323 -4.19 23.98 1.23
N SER B 324 -2.90 23.97 0.95
CA SER B 324 -1.94 22.98 1.45
C SER B 324 -0.90 23.67 2.34
N TRP B 325 -0.21 22.86 3.13
CA TRP B 325 0.82 23.39 4.06
C TRP B 325 2.19 23.52 3.40
N TYR B 326 2.22 24.35 2.35
CA TYR B 326 3.42 24.69 1.63
C TYR B 326 3.41 26.20 1.43
N GLU B 327 4.60 26.72 1.08
CA GLU B 327 4.72 28.16 0.90
C GLU B 327 3.91 28.68 -0.27
N GLY B 328 3.21 29.81 -0.04
CA GLY B 328 2.59 30.53 -1.09
C GLY B 328 1.36 29.86 -1.64
N ALA B 329 1.07 30.18 -2.89
CA ALA B 329 -0.15 29.83 -3.54
C ALA B 329 0.05 29.40 -4.98
N GLU B 330 1.24 29.25 -5.45
CA GLU B 330 1.51 29.06 -6.86
C GLU B 330 1.51 27.58 -7.25
N ALA B 331 0.60 27.22 -8.15
CA ALA B 331 0.60 25.88 -8.70
C ALA B 331 1.80 25.69 -9.64
N ARG B 332 2.30 24.47 -9.72
CA ARG B 332 3.46 24.18 -10.53
C ARG B 332 3.27 22.91 -11.30
N HIS B 333 3.71 22.90 -12.55
CA HIS B 333 3.94 21.70 -13.31
C HIS B 333 5.09 20.93 -12.64
N PRO B 334 5.02 19.62 -12.56
CA PRO B 334 6.06 18.89 -11.77
C PRO B 334 7.48 18.98 -12.23
N TRP B 335 7.74 19.30 -13.49
CA TRP B 335 9.13 19.60 -13.94
C TRP B 335 9.61 20.93 -13.43
N LYS B 336 8.74 21.73 -12.85
CA LYS B 336 9.03 22.96 -12.16
C LYS B 336 8.48 22.91 -10.74
N GLY B 337 8.41 21.68 -10.16
CA GLY B 337 7.75 21.54 -8.87
C GLY B 337 8.55 22.13 -7.72
N GLN B 338 7.83 22.38 -6.63
CA GLN B 338 8.39 22.90 -5.40
C GLN B 338 7.79 22.18 -4.21
N THR B 339 8.62 21.85 -3.24
CA THR B 339 8.14 21.17 -2.03
C THR B 339 8.75 21.91 -0.88
N GLN B 340 8.04 22.94 -0.43
CA GLN B 340 8.49 23.91 0.57
C GLN B 340 7.52 23.97 1.72
N PRO B 341 7.66 23.06 2.72
CA PRO B 341 6.69 22.94 3.76
C PRO B 341 6.53 24.22 4.57
N LYS B 342 5.29 24.47 4.94
CA LYS B 342 4.95 25.61 5.80
C LYS B 342 3.60 25.30 6.45
N TYR B 343 3.70 24.84 7.70
CA TYR B 343 2.51 24.38 8.42
C TYR B 343 1.80 25.54 9.07
N THR B 344 0.48 25.57 8.96
CA THR B 344 -0.37 26.63 9.53
C THR B 344 -1.46 26.06 10.42
N ASP B 345 -1.45 24.77 10.70
CA ASP B 345 -2.45 24.11 11.50
C ASP B 345 -3.76 24.06 10.71
N LEU B 346 -4.75 23.33 11.31
CA LEU B 346 -5.96 23.01 10.56
C LEU B 346 -6.76 24.27 10.22
N HIS B 347 -6.90 24.53 8.95
CA HIS B 347 -7.62 25.68 8.39
C HIS B 347 -6.91 27.00 8.67
N GLY B 348 -5.65 26.95 9.13
CA GLY B 348 -4.88 28.18 9.24
C GLY B 348 -4.61 28.74 7.87
N ASP B 349 -4.97 30.02 7.61
CA ASP B 349 -4.81 30.60 6.30
C ASP B 349 -5.45 29.71 5.22
N ASP B 350 -6.54 29.07 5.56
CA ASP B 350 -7.37 28.25 4.67
C ASP B 350 -6.60 27.06 4.12
N ARG B 351 -5.67 26.53 4.92
CA ARG B 351 -4.85 25.39 4.53
C ARG B 351 -5.14 24.23 5.49
N TYR B 352 -5.22 23.00 4.94
CA TYR B 352 -5.70 21.90 5.82
C TYR B 352 -5.11 20.55 5.43
N SER B 353 -4.05 20.49 4.61
CA SER B 353 -3.50 19.20 4.21
C SER B 353 -2.04 19.29 3.82
N TRP B 354 -1.33 18.18 4.07
CA TRP B 354 0.01 18.00 3.54
C TRP B 354 0.00 17.58 2.07
N MET B 355 -1.14 17.17 1.49
CA MET B 355 -1.16 16.87 0.10
C MET B 355 -1.24 18.19 -0.73
N LYS B 356 -0.51 18.21 -1.83
CA LYS B 356 -0.78 19.20 -2.89
C LYS B 356 -2.10 18.83 -3.57
N ALA B 357 -2.62 19.73 -4.42
CA ALA B 357 -3.89 19.56 -5.10
C ALA B 357 -3.62 19.55 -6.58
N PRO B 358 -3.43 18.40 -7.23
CA PRO B 358 -3.19 18.32 -8.65
C PRO B 358 -4.47 18.64 -9.39
N ARG B 359 -4.34 19.41 -10.46
CA ARG B 359 -5.43 19.76 -11.37
C ARG B 359 -4.98 19.55 -12.79
N TYR B 360 -5.90 19.12 -13.63
CA TYR B 360 -5.64 18.86 -15.03
C TYR B 360 -6.48 19.87 -15.80
N MET B 361 -5.81 20.76 -16.55
CA MET B 361 -6.53 21.86 -17.23
C MET B 361 -7.38 22.58 -16.19
N GLY B 362 -6.91 22.70 -14.96
CA GLY B 362 -7.61 23.37 -13.87
C GLY B 362 -8.67 22.55 -13.14
N GLU B 363 -8.91 21.33 -13.56
CA GLU B 363 -10.02 20.55 -13.02
C GLU B 363 -9.56 19.44 -12.04
N PRO B 364 -10.40 19.18 -11.04
CA PRO B 364 -10.14 18.03 -10.11
C PRO B 364 -10.53 16.75 -10.79
N MET B 365 -9.64 15.74 -10.76
CA MET B 365 -9.80 14.51 -11.50
C MET B 365 -9.77 13.31 -10.56
N GLU B 366 -10.81 12.49 -10.62
CA GLU B 366 -10.72 11.15 -10.04
C GLU B 366 -9.79 10.32 -10.89
N THR B 367 -8.95 9.54 -10.20
CA THR B 367 -8.18 8.50 -10.89
C THR B 367 -8.37 7.21 -10.07
N GLY B 368 -7.92 6.10 -10.71
CA GLY B 368 -8.07 4.76 -10.11
C GLY B 368 -8.96 3.89 -10.87
N PRO B 369 -9.43 2.80 -10.25
CA PRO B 369 -10.14 1.76 -11.02
C PRO B 369 -11.35 2.32 -11.81
N LEU B 370 -12.12 3.21 -11.21
CA LEU B 370 -13.32 3.68 -11.93
C LEU B 370 -12.87 4.45 -13.15
N ALA B 371 -11.83 5.29 -13.05
CA ALA B 371 -11.33 5.99 -14.24
C ALA B 371 -10.79 5.05 -15.30
N GLN B 372 -9.97 4.05 -14.85
CA GLN B 372 -9.38 3.13 -15.80
C GLN B 372 -10.45 2.34 -16.53
N VAL B 373 -11.41 1.80 -15.78
CA VAL B 373 -12.49 1.01 -16.34
C VAL B 373 -13.38 1.83 -17.25
N LEU B 374 -13.83 2.98 -16.80
CA LEU B 374 -14.78 3.75 -17.61
C LEU B 374 -14.12 4.26 -18.88
N ILE B 375 -12.88 4.70 -18.79
CA ILE B 375 -12.21 5.19 -20.01
C ILE B 375 -11.95 4.04 -20.91
N ALA B 376 -11.42 2.90 -20.41
CA ALA B 376 -11.20 1.73 -21.32
C ALA B 376 -12.49 1.28 -21.96
N TYR B 377 -13.55 1.20 -21.17
CA TYR B 377 -14.85 0.82 -21.75
C TYR B 377 -15.15 1.70 -22.96
N SER B 378 -15.02 2.99 -22.75
CA SER B 378 -15.42 3.98 -23.71
C SER B 378 -14.48 4.07 -24.91
N GLN B 379 -13.32 3.49 -24.76
CA GLN B 379 -12.39 3.28 -25.86
C GLN B 379 -12.66 1.95 -26.57
N GLY B 380 -13.69 1.17 -26.15
CA GLY B 380 -13.98 -0.08 -26.88
C GLY B 380 -13.16 -1.26 -26.40
N HIS B 381 -12.55 -1.16 -25.25
CA HIS B 381 -11.73 -2.27 -24.74
C HIS B 381 -12.58 -3.51 -24.62
N PRO B 382 -12.31 -4.55 -25.37
CA PRO B 382 -13.30 -5.63 -25.31
C PRO B 382 -13.38 -6.39 -24.02
N LYS B 383 -12.31 -6.60 -23.31
CA LYS B 383 -12.37 -7.35 -22.06
C LYS B 383 -13.07 -6.55 -20.99
N VAL B 384 -12.79 -5.29 -20.83
CA VAL B 384 -13.40 -4.35 -19.92
C VAL B 384 -14.86 -4.29 -20.28
N LYS B 385 -15.20 -4.17 -21.54
CA LYS B 385 -16.67 -4.06 -21.85
C LYS B 385 -17.35 -5.36 -21.45
N ALA B 386 -16.78 -6.54 -21.73
CA ALA B 386 -17.47 -7.81 -21.38
C ALA B 386 -17.71 -7.98 -19.90
N VAL B 387 -16.67 -7.72 -19.13
CA VAL B 387 -16.85 -7.83 -17.71
C VAL B 387 -17.79 -6.78 -17.15
N THR B 388 -17.63 -5.53 -17.58
CA THR B 388 -18.49 -4.45 -17.03
C THR B 388 -19.97 -4.72 -17.33
N ASP B 389 -20.22 -5.15 -18.59
CA ASP B 389 -21.62 -5.43 -18.97
C ASP B 389 -22.20 -6.56 -18.15
N ALA B 390 -21.36 -7.56 -17.93
CA ALA B 390 -21.87 -8.70 -17.15
C ALA B 390 -22.20 -8.30 -15.72
N VAL B 391 -21.35 -7.46 -15.14
CA VAL B 391 -21.59 -6.93 -13.79
C VAL B 391 -22.86 -6.11 -13.78
N LEU B 392 -23.03 -5.20 -14.76
CA LEU B 392 -24.23 -4.37 -14.70
C LEU B 392 -25.47 -5.20 -14.82
N ALA B 393 -25.41 -6.19 -15.71
CA ALA B 393 -26.57 -7.08 -15.91
C ALA B 393 -26.88 -7.86 -14.63
N LYS B 394 -25.86 -8.37 -13.94
CA LYS B 394 -26.09 -9.20 -12.78
C LYS B 394 -26.77 -8.32 -11.75
N LEU B 395 -26.28 -7.07 -11.62
CA LEU B 395 -26.88 -6.17 -10.62
C LEU B 395 -28.19 -5.53 -11.01
N GLY B 396 -28.60 -5.64 -12.27
CA GLY B 396 -29.87 -5.08 -12.67
C GLY B 396 -29.80 -3.58 -12.75
N VAL B 397 -28.68 -2.93 -13.03
CA VAL B 397 -28.61 -1.50 -13.07
C VAL B 397 -28.03 -1.02 -14.40
N GLY B 398 -28.24 0.22 -14.73
CA GLY B 398 -27.67 0.76 -15.95
C GLY B 398 -26.35 1.42 -15.71
N PRO B 399 -25.70 1.87 -16.77
CA PRO B 399 -24.35 2.36 -16.67
C PRO B 399 -24.23 3.57 -15.73
N GLU B 400 -25.28 4.35 -15.59
CA GLU B 400 -25.25 5.50 -14.70
C GLU B 400 -24.93 5.07 -13.29
N ALA B 401 -25.20 3.86 -12.92
CA ALA B 401 -24.94 3.42 -11.55
C ALA B 401 -23.46 3.40 -11.27
N LEU B 402 -22.62 3.40 -12.29
CA LEU B 402 -21.20 3.38 -11.98
C LEU B 402 -20.68 4.66 -11.39
N PHE B 403 -21.39 5.76 -11.53
CA PHE B 403 -20.91 7.05 -11.04
C PHE B 403 -21.32 7.21 -9.58
N SER B 404 -20.67 6.39 -8.72
CA SER B 404 -21.08 6.29 -7.35
C SER B 404 -20.06 5.52 -6.53
N THR B 405 -20.23 5.56 -5.24
CA THR B 405 -19.44 4.73 -4.36
C THR B 405 -19.57 3.27 -4.65
N LEU B 406 -20.80 2.79 -4.92
CA LEU B 406 -20.94 1.37 -5.32
C LEU B 406 -20.25 1.07 -6.60
N GLY B 407 -20.37 1.88 -7.64
CA GLY B 407 -19.83 1.84 -8.93
C GLY B 407 -18.33 1.73 -8.86
N ARG B 408 -17.74 2.58 -8.00
CA ARG B 408 -16.26 2.60 -7.87
C ARG B 408 -15.75 1.31 -7.28
N THR B 409 -16.51 0.83 -6.30
CA THR B 409 -16.20 -0.47 -5.67
C THR B 409 -16.31 -1.60 -6.67
N ALA B 410 -17.35 -1.58 -7.48
CA ALA B 410 -17.50 -2.54 -8.56
C ALA B 410 -16.39 -2.48 -9.58
N ALA B 411 -16.02 -1.24 -9.97
CA ALA B 411 -14.96 -1.06 -10.93
C ALA B 411 -13.64 -1.67 -10.46
N ARG B 412 -13.35 -1.56 -9.16
CA ARG B 412 -12.17 -2.18 -8.61
C ARG B 412 -12.20 -3.70 -8.87
N GLY B 413 -13.34 -4.33 -8.65
CA GLY B 413 -13.50 -5.73 -8.97
C GLY B 413 -13.34 -6.04 -10.44
N ILE B 414 -13.99 -5.25 -11.30
CA ILE B 414 -13.93 -5.40 -12.73
C ILE B 414 -12.47 -5.41 -13.20
N GLU B 415 -11.71 -4.40 -12.77
CA GLU B 415 -10.33 -4.32 -13.20
C GLU B 415 -9.50 -5.49 -12.69
N THR B 416 -9.79 -5.96 -11.47
CA THR B 416 -9.11 -7.13 -10.93
C THR B 416 -9.34 -8.33 -11.82
N ALA B 417 -10.58 -8.55 -12.23
CA ALA B 417 -10.90 -9.72 -13.09
C ALA B 417 -10.21 -9.61 -14.41
N VAL B 418 -10.27 -8.41 -15.03
CA VAL B 418 -9.67 -8.20 -16.33
C VAL B 418 -8.17 -8.38 -16.27
N ILE B 419 -7.52 -7.79 -15.26
CA ILE B 419 -6.06 -7.91 -15.15
C ILE B 419 -5.67 -9.35 -14.80
N ALA B 420 -6.47 -10.04 -13.97
CA ALA B 420 -6.12 -11.42 -13.69
C ALA B 420 -6.06 -12.25 -14.94
N GLU B 421 -7.02 -12.07 -15.87
CA GLU B 421 -6.95 -12.76 -17.14
C GLU B 421 -5.77 -12.29 -17.95
N TYR B 422 -5.55 -10.99 -18.01
CA TYR B 422 -4.48 -10.48 -18.89
C TYR B 422 -3.10 -10.90 -18.44
N VAL B 423 -2.88 -11.12 -17.17
CA VAL B 423 -1.58 -11.65 -16.71
C VAL B 423 -1.25 -12.95 -17.44
N GLY B 424 -2.26 -13.82 -17.72
CA GLY B 424 -2.04 -15.03 -18.42
C GLY B 424 -1.58 -14.79 -19.83
N VAL B 425 -2.13 -13.78 -20.48
CA VAL B 425 -1.73 -13.41 -21.83
C VAL B 425 -0.29 -12.90 -21.85
N MET B 426 0.05 -11.95 -20.95
CA MET B 426 1.43 -11.51 -20.83
C MET B 426 2.37 -12.65 -20.57
N LEU B 427 1.99 -13.56 -19.69
CA LEU B 427 2.84 -14.69 -19.35
C LEU B 427 3.14 -15.55 -20.56
N GLN B 428 2.11 -15.81 -21.34
CA GLN B 428 2.31 -16.56 -22.59
C GLN B 428 3.21 -15.87 -23.57
N GLU B 429 3.00 -14.55 -23.73
CA GLU B 429 3.86 -13.75 -24.61
C GLU B 429 5.32 -13.82 -24.19
N TYR B 430 5.55 -13.72 -22.87
CA TYR B 430 6.86 -13.82 -22.30
C TYR B 430 7.50 -15.16 -22.59
N LYS B 431 6.76 -16.25 -22.29
CA LYS B 431 7.24 -17.58 -22.68
C LYS B 431 7.60 -17.67 -24.13
N ASP B 432 6.75 -17.15 -24.98
CA ASP B 432 6.96 -17.22 -26.43
C ASP B 432 8.24 -16.50 -26.83
N ASN B 433 8.49 -15.41 -26.15
CA ASN B 433 9.67 -14.60 -26.47
C ASN B 433 10.94 -15.32 -26.05
N ILE B 434 10.91 -15.95 -24.89
CA ILE B 434 12.05 -16.77 -24.45
C ILE B 434 12.28 -17.89 -25.46
N ALA B 435 11.21 -18.49 -25.91
CA ALA B 435 11.31 -19.66 -26.79
C ALA B 435 11.89 -19.28 -28.13
N LYS B 436 11.79 -18.02 -28.57
CA LYS B 436 12.42 -17.53 -29.79
C LYS B 436 13.92 -17.32 -29.64
N GLY B 437 14.45 -17.48 -28.42
CA GLY B 437 15.86 -17.35 -28.11
C GLY B 437 16.19 -15.99 -27.55
N ASP B 438 15.23 -15.17 -27.17
CA ASP B 438 15.55 -13.85 -26.61
C ASP B 438 15.72 -14.02 -25.10
N ASN B 439 16.96 -13.97 -24.65
CA ASN B 439 17.29 -14.16 -23.24
C ASN B 439 17.86 -12.88 -22.61
N VAL B 440 17.67 -11.72 -23.24
CA VAL B 440 18.19 -10.48 -22.77
C VAL B 440 17.19 -9.79 -21.83
N ILE B 441 17.68 -9.28 -20.71
CA ILE B 441 16.83 -8.63 -19.70
C ILE B 441 17.31 -7.25 -19.29
N CYS B 442 18.47 -6.79 -19.71
CA CYS B 442 18.94 -5.47 -19.37
C CYS B 442 19.74 -4.91 -20.56
N ALA B 443 19.58 -3.62 -20.80
CA ALA B 443 20.27 -2.90 -21.87
C ALA B 443 21.22 -1.84 -21.27
N PRO B 444 22.36 -1.60 -21.93
CA PRO B 444 23.28 -0.58 -21.49
C PRO B 444 22.76 0.81 -21.77
N TRP B 445 23.29 1.75 -20.99
CA TRP B 445 22.85 3.15 -21.02
C TRP B 445 23.94 4.01 -20.44
N GLU B 446 23.79 5.32 -20.66
CA GLU B 446 24.73 6.30 -20.21
C GLU B 446 23.99 7.45 -19.52
N MET B 447 24.56 8.00 -18.44
CA MET B 447 23.92 9.09 -17.74
C MET B 447 24.18 10.40 -18.44
N PRO B 448 23.16 11.13 -18.88
CA PRO B 448 23.38 12.48 -19.35
C PRO B 448 23.69 13.42 -18.19
N LYS B 449 24.40 14.53 -18.47
CA LYS B 449 24.60 15.53 -17.44
C LYS B 449 23.33 16.34 -17.22
N GLN B 450 22.61 16.62 -18.31
CA GLN B 450 21.38 17.42 -18.21
C GLN B 450 20.27 16.69 -18.96
N ALA B 451 19.10 16.48 -18.33
CA ALA B 451 18.00 15.85 -18.99
C ALA B 451 16.72 16.08 -18.16
N GLU B 452 15.62 15.85 -18.80
CA GLU B 452 14.31 15.74 -18.12
C GLU B 452 13.77 14.36 -18.45
N GLY B 453 13.08 13.77 -17.49
CA GLY B 453 12.41 12.51 -17.73
C GLY B 453 11.11 12.45 -16.95
N VAL B 454 10.25 11.56 -17.43
CA VAL B 454 8.97 11.26 -16.73
C VAL B 454 8.67 9.79 -16.93
N GLY B 455 8.12 9.20 -15.84
CA GLY B 455 7.66 7.81 -15.90
C GLY B 455 6.21 7.78 -15.45
N PHE B 456 5.41 7.02 -16.15
CA PHE B 456 3.98 6.91 -15.91
C PHE B 456 3.65 5.44 -15.59
N VAL B 457 2.91 5.26 -14.48
CA VAL B 457 2.36 3.94 -14.10
C VAL B 457 0.90 4.20 -13.82
N ASN B 458 0.04 3.31 -14.30
CA ASN B 458 -1.33 3.29 -13.76
C ASN B 458 -1.31 2.24 -12.68
N ALA B 459 -1.28 2.70 -11.43
CA ALA B 459 -1.16 1.87 -10.26
C ALA B 459 -2.55 1.43 -9.84
N PRO B 460 -2.65 0.58 -8.82
CA PRO B 460 -3.99 0.18 -8.37
C PRO B 460 -4.92 1.32 -7.96
N ARG B 461 -4.39 2.49 -7.58
CA ARG B 461 -5.24 3.66 -7.26
C ARG B 461 -5.23 4.72 -8.34
N GLY B 462 -4.55 4.48 -9.48
CA GLY B 462 -4.65 5.34 -10.63
C GLY B 462 -3.33 5.89 -11.13
N GLY B 463 -3.41 7.07 -11.74
CA GLY B 463 -2.30 7.58 -12.52
C GLY B 463 -1.17 8.13 -11.63
N LEU B 464 -0.05 7.42 -11.68
CA LEU B 464 1.17 7.76 -10.97
C LEU B 464 2.20 8.29 -11.96
N SER B 465 2.83 9.42 -11.61
CA SER B 465 3.90 9.95 -12.44
C SER B 465 5.03 10.44 -11.54
N HIS B 466 6.25 10.12 -11.98
CA HIS B 466 7.49 10.57 -11.40
C HIS B 466 8.23 11.40 -12.44
N TRP B 467 8.78 12.52 -11.99
CA TRP B 467 9.32 13.54 -12.87
C TRP B 467 10.72 13.96 -12.40
N ILE B 468 11.71 13.84 -13.27
CA ILE B 468 13.07 14.20 -12.90
C ILE B 468 13.60 15.29 -13.81
N ARG B 469 14.37 16.17 -13.16
CA ARG B 469 15.27 17.11 -13.83
C ARG B 469 16.66 16.70 -13.38
N ILE B 470 17.48 16.21 -14.31
CA ILE B 470 18.88 15.85 -14.05
C ILE B 470 19.75 17.09 -14.34
N GLU B 471 20.62 17.40 -13.40
CA GLU B 471 21.54 18.56 -13.53
C GLU B 471 22.90 18.07 -13.05
N ASP B 472 23.95 18.25 -13.82
CA ASP B 472 25.29 17.73 -13.50
C ASP B 472 25.22 16.24 -13.20
N GLY B 473 24.33 15.52 -13.86
CA GLY B 473 24.22 14.07 -13.67
C GLY B 473 23.58 13.65 -12.37
N LYS B 474 23.10 14.61 -11.58
CA LYS B 474 22.46 14.39 -10.29
C LYS B 474 20.97 14.80 -10.33
N ILE B 475 20.26 14.46 -9.27
CA ILE B 475 18.87 14.86 -9.17
C ILE B 475 18.82 16.38 -8.87
N GLY B 476 18.41 17.14 -9.84
CA GLY B 476 18.13 18.58 -9.67
C GLY B 476 16.80 18.82 -9.05
N ASN B 477 15.79 18.09 -9.58
CA ASN B 477 14.43 18.11 -9.02
C ASN B 477 13.86 16.74 -9.26
N PHE B 478 13.13 16.21 -8.29
CA PHE B 478 12.40 14.98 -8.43
C PHE B 478 11.05 15.19 -7.80
N GLN B 479 9.99 15.02 -8.58
CA GLN B 479 8.63 15.26 -8.12
C GLN B 479 7.77 14.03 -8.38
N LEU B 480 7.06 13.64 -7.33
CA LEU B 480 6.07 12.57 -7.42
C LEU B 480 4.68 13.21 -7.45
N VAL B 481 3.85 12.77 -8.37
CA VAL B 481 2.42 13.18 -8.44
C VAL B 481 1.67 11.87 -8.41
N VAL B 482 0.97 11.59 -7.30
CA VAL B 482 0.56 10.21 -7.01
C VAL B 482 -0.95 10.11 -7.09
N PRO B 483 -1.52 8.92 -7.38
CA PRO B 483 -2.99 8.85 -7.55
C PRO B 483 -3.79 9.43 -6.42
N SER B 484 -3.42 9.08 -5.17
CA SER B 484 -4.19 9.60 -4.04
C SER B 484 -4.03 11.11 -3.90
N THR B 485 -2.94 11.69 -4.43
CA THR B 485 -2.81 13.15 -4.46
C THR B 485 -3.95 13.72 -5.31
N TRP B 486 -4.17 13.18 -6.50
CA TRP B 486 -5.28 13.61 -7.35
C TRP B 486 -6.61 13.52 -6.62
N THR B 487 -6.88 12.33 -6.05
CA THR B 487 -8.21 12.02 -5.58
C THR B 487 -8.53 12.57 -4.22
N LEU B 488 -7.54 12.59 -3.32
CA LEU B 488 -7.71 12.97 -1.94
C LEU B 488 -6.98 14.25 -1.52
N GLY B 489 -6.28 14.90 -2.45
CA GLY B 489 -5.70 16.19 -2.15
C GLY B 489 -6.80 17.19 -1.82
N PRO B 490 -6.44 18.36 -1.34
CA PRO B 490 -7.42 19.39 -0.97
C PRO B 490 -7.89 20.19 -2.17
N ARG B 491 -8.57 21.29 -1.87
CA ARG B 491 -8.98 22.28 -2.84
C ARG B 491 -7.74 22.97 -3.47
N CYS B 492 -7.93 23.52 -4.65
CA CYS B 492 -6.92 24.26 -5.40
C CYS B 492 -7.13 25.76 -5.23
N ASP B 493 -6.36 26.57 -5.93
CA ASP B 493 -6.50 28.03 -5.81
C ASP B 493 -7.71 28.60 -6.51
N LYS B 494 -8.53 27.75 -7.16
CA LYS B 494 -9.85 28.11 -7.68
C LYS B 494 -10.92 27.60 -6.69
N ASN B 495 -10.52 27.04 -5.56
CA ASN B 495 -11.40 26.58 -4.51
C ASN B 495 -12.26 25.40 -4.96
N LYS B 496 -11.81 24.67 -5.96
CA LYS B 496 -12.58 23.51 -6.40
C LYS B 496 -12.34 22.35 -5.45
N LEU B 497 -13.43 21.74 -4.99
CA LEU B 497 -13.32 20.56 -4.14
C LEU B 497 -12.64 19.44 -4.94
N SER B 498 -11.81 18.68 -4.18
CA SER B 498 -11.21 17.51 -4.77
C SER B 498 -12.24 16.41 -4.95
N PRO B 499 -11.87 15.36 -5.72
CA PRO B 499 -12.87 14.30 -5.95
C PRO B 499 -13.44 13.73 -4.67
N VAL B 500 -12.61 13.40 -3.68
CA VAL B 500 -13.17 12.81 -2.46
C VAL B 500 -14.08 13.81 -1.74
N GLU B 501 -13.69 15.07 -1.67
CA GLU B 501 -14.48 16.07 -0.99
C GLU B 501 -15.81 16.26 -1.67
N ALA B 502 -15.81 16.43 -2.96
CA ALA B 502 -17.04 16.61 -3.72
C ALA B 502 -17.94 15.39 -3.59
N SER B 503 -17.34 14.18 -3.63
CA SER B 503 -18.12 12.93 -3.59
C SER B 503 -18.86 12.78 -2.29
N LEU B 504 -18.39 13.39 -1.22
CA LEU B 504 -18.98 13.28 0.11
C LEU B 504 -20.22 14.12 0.26
N ILE B 505 -20.40 15.13 -0.55
CA ILE B 505 -21.58 16.00 -0.46
C ILE B 505 -22.79 15.11 -0.80
N GLY B 506 -23.82 15.14 0.05
CA GLY B 506 -24.98 14.31 -0.11
C GLY B 506 -24.97 13.05 0.70
N THR B 507 -23.88 12.71 1.35
CA THR B 507 -23.84 11.43 2.06
C THR B 507 -24.80 11.46 3.24
N PRO B 508 -25.70 10.49 3.35
CA PRO B 508 -26.54 10.42 4.53
C PRO B 508 -25.75 9.86 5.71
N VAL B 509 -26.06 10.36 6.91
CA VAL B 509 -25.43 9.83 8.10
C VAL B 509 -26.53 9.50 9.12
N ALA B 510 -26.74 8.19 9.29
CA ALA B 510 -27.78 7.75 10.19
C ALA B 510 -27.48 8.03 11.66
N ASP B 511 -26.23 7.82 12.01
CA ASP B 511 -25.77 7.88 13.37
C ASP B 511 -24.42 8.60 13.36
N ALA B 512 -24.48 9.87 13.71
CA ALA B 512 -23.27 10.70 13.68
C ALA B 512 -22.13 10.17 14.55
N LYS B 513 -22.42 9.36 15.59
CA LYS B 513 -21.42 8.75 16.43
C LYS B 513 -20.71 7.58 15.76
N ARG B 514 -21.34 7.02 14.73
CA ARG B 514 -20.80 5.85 14.05
C ARG B 514 -20.96 6.09 12.56
N PRO B 515 -20.23 7.00 11.93
CA PRO B 515 -20.51 7.50 10.58
C PRO B 515 -19.94 6.64 9.45
N VAL B 516 -20.48 5.43 9.43
CA VAL B 516 -20.00 4.41 8.49
C VAL B 516 -20.22 4.87 7.06
N GLU B 517 -21.24 5.69 6.75
CA GLU B 517 -21.49 6.10 5.39
C GLU B 517 -20.30 6.94 4.87
N ILE B 518 -19.73 7.80 5.74
CA ILE B 518 -18.53 8.52 5.29
C ILE B 518 -17.40 7.57 4.93
N LEU B 519 -17.19 6.55 5.78
CA LEU B 519 -16.16 5.56 5.52
C LEU B 519 -16.42 4.84 4.23
N ARG B 520 -17.66 4.47 3.92
CA ARG B 520 -17.92 3.74 2.70
C ARG B 520 -17.44 4.47 1.48
N THR B 521 -17.77 5.76 1.42
CA THR B 521 -17.34 6.56 0.26
C THR B 521 -15.84 6.77 0.28
N VAL B 522 -15.27 7.17 1.42
CA VAL B 522 -13.84 7.42 1.46
C VAL B 522 -13.07 6.16 1.10
N HIS B 523 -13.43 5.02 1.69
CA HIS B 523 -12.77 3.77 1.39
C HIS B 523 -12.91 3.33 -0.06
N SER B 524 -14.04 3.72 -0.71
CA SER B 524 -14.22 3.31 -2.11
C SER B 524 -13.11 3.85 -3.00
N PHE B 525 -12.50 4.98 -2.62
CA PHE B 525 -11.35 5.52 -3.36
C PHE B 525 -10.06 4.85 -3.05
N ASP B 526 -10.02 3.99 -2.02
CA ASP B 526 -8.82 3.28 -1.61
C ASP B 526 -7.67 4.25 -1.27
N PRO B 527 -7.85 5.13 -0.31
CA PRO B 527 -6.83 6.16 -0.03
C PRO B 527 -5.53 5.57 0.43
N CSO B 528 -4.46 6.28 0.00
CA CSO B 528 -3.09 6.00 0.44
CB CSO B 528 -2.39 5.19 -0.68
SG CSO B 528 -0.94 4.44 -0.06
C CSO B 528 -2.42 7.29 0.72
O CSO B 528 -2.07 8.05 -0.18
OD CSO B 528 0.45 5.46 -0.44
N ILE B 529 -2.29 7.65 1.98
CA ILE B 529 -1.85 8.98 2.34
C ILE B 529 -0.33 9.12 2.31
N ALA B 530 0.38 8.03 2.60
CA ALA B 530 1.85 8.04 2.39
C ALA B 530 2.12 8.29 0.92
N CYS B 531 1.40 7.61 0.02
CA CYS B 531 1.42 7.93 -1.39
C CYS B 531 1.07 9.36 -1.65
N GLY B 532 -0.04 9.85 -1.15
CA GLY B 532 -0.49 11.13 -1.60
C GLY B 532 0.46 12.27 -1.22
N VAL B 533 1.07 12.18 -0.04
CA VAL B 533 1.93 13.22 0.48
C VAL B 533 3.41 13.02 0.20
N HIS B 534 3.92 11.80 0.40
CA HIS B 534 5.34 11.50 0.27
C HIS B 534 6.22 12.55 1.01
FE1 SF4 C . 8.32 1.52 5.09
FE2 SF4 C . 9.92 2.37 7.05
FE3 SF4 C . 10.86 0.66 5.26
FE4 SF4 C . 8.99 -0.21 7.09
S1 SF4 C . 11.11 0.45 7.54
S2 SF4 C . 9.08 -0.66 4.82
S3 SF4 C . 7.77 1.75 7.33
S4 SF4 C . 10.10 2.82 4.82
FE1 SF4 D . 28.64 -10.66 -0.74
FE2 SF4 D . 26.81 -9.28 -2.18
FE3 SF4 D . 26.79 -11.99 -2.14
FE4 SF4 D . 28.83 -10.70 -3.43
S1 SF4 D . 26.60 -10.69 -4.02
S2 SF4 D . 29.01 -12.51 -2.07
S3 SF4 D . 29.06 -8.85 -2.05
S4 SF4 D . 26.38 -10.55 -0.35
FE1 F3S E . 19.88 -6.44 1.87
FE3 F3S E . 18.11 -8.16 3.00
FE4 F3S E . 17.56 -5.52 2.90
S1 F3S E . 19.30 -8.45 1.15
S2 F3S E . 18.57 -4.78 1.01
S3 F3S E . 19.26 -6.51 4.09
S4 F3S E . 16.11 -7.18 2.60
C1 MPD F . 33.76 -19.69 3.49
C2 MPD F . 34.69 -19.36 2.32
O2 MPD F . 34.28 -18.04 1.85
CM MPD F . 36.14 -19.32 2.71
C3 MPD F . 34.53 -20.34 1.14
C4 MPD F . 33.11 -20.67 0.74
O4 MPD F . 32.42 -19.48 0.37
C5 MPD F . 33.04 -21.65 -0.39
C1 MPD G . 18.04 2.35 19.01
C2 MPD G . 19.47 2.39 19.32
O2 MPD G . 19.73 1.31 20.27
CM MPD G . 20.30 2.29 18.07
C3 MPD G . 19.88 3.67 20.03
C4 MPD G . 19.42 3.98 21.45
O4 MPD G . 20.35 3.56 22.45
C5 MPD G . 19.38 5.52 21.59
C1 MPD H . 1.82 -9.07 30.31
C2 MPD H . 1.85 -9.22 28.81
O2 MPD H . 0.73 -10.07 28.47
CM MPD H . 1.75 -7.92 28.13
C3 MPD H . 3.09 -10.03 28.39
C4 MPD H . 3.10 -11.37 29.15
O4 MPD H . 1.89 -12.05 28.96
C5 MPD H . 4.27 -12.28 28.85
MG MG I . 4.71 15.38 -5.00
NI NFC J . 0.24 3.53 -1.57
FE NFC J . -0.12 4.33 -4.24
C3 NFC J . 0.67 4.91 -5.68
C2 NFC J . -1.16 3.23 -5.34
O3 NFC J . 1.15 5.27 -6.67
N2 NFC J . -1.80 2.59 -6.06
O1 NFC J . -2.21 6.53 -4.24
C1 NFC J . -1.42 5.69 -4.31
O4 NFC J . -1.19 3.49 -2.50
O5 NFC J . -1.47 2.45 -1.36
C1 MRD K . -20.59 5.64 -18.24
C2 MRD K . -20.08 4.74 -19.34
O2 MRD K . -20.94 5.01 -20.43
CM MRD K . -18.64 4.97 -19.69
C3 MRD K . -20.14 3.30 -18.88
C4 MRD K . -20.87 2.26 -19.62
O4 MRD K . -22.04 2.77 -20.26
C5 MRD K . -21.23 1.05 -18.80
#